data_6I0O
#
_entry.id   6I0O
#
_cell.length_a   134.119
_cell.length_b   134.119
_cell.length_c   325.703
_cell.angle_alpha   90.00
_cell.angle_beta   90.00
_cell.angle_gamma   90.00
#
_symmetry.space_group_name_H-M   'I 4 2 2'
#
loop_
_entity.id
_entity.type
_entity.pdbx_description
1 polymer "Inosine-5'-monophosphate dehydrogenase 2"
2 non-polymer "GUANOSINE-5'-TRIPHOSPHATE"
3 non-polymer 'SULFATE ION'
4 water water
#
_entity_poly.entity_id   1
_entity_poly.type   'polypeptide(L)'
_entity_poly.pdbx_seq_one_letter_code
;GSHMADYLISGGTSYVPDDGLTAQQLFNCGDGLTYNDFLILPGYIDFTADQVDLTSALTKKITLKTPLVSSPMDTVTEAG
MAIAMALTGGIGFIHHNCTPEFQANEVRKVKKYEQGFITDPVVLSPKDRVRDVFEAKARHGFCGIPITDTGRMGSRLVGI
ISSRDIDFLKEEEHDCFLEEIMTKREDLVVAPAGITLKEANEILQRSKKGKLPIVNEDDELVAIIARTDLKKNRDYPLAS
KDAKKQLLCGAAIGTHEDDKYRLDLLAQAGVDVVVLDSSQGNSIFQINMIKYIKDKYPNLQVIGGNVVTAAQAKNLIDAG
VDALRVGMGSGSICITQEVLACGRPQATAVYKVSEYARRFGVPVIADGGIQNVGHIAKALALGASTVMMGSLLAATTEAP
GEYFFSDGIRLKKYRGMGSLDAMDKHLSSQNRYFSEADKIKVAQGVSGAVQDKGSIHKFVPYLIAGIQHSCQDIGAKSLT
QVRAMMYSGELKFEKRTSSAQVEGGVHSLHSYEKRLF
;
_entity_poly.pdbx_strand_id   A,B
#
# COMPACT_ATOMS: atom_id res chain seq x y z
N SER A 14 -30.02 26.99 43.75
CA SER A 14 -28.97 26.60 42.81
C SER A 14 -28.40 25.22 43.14
N TYR A 15 -29.27 24.23 43.28
CA TYR A 15 -28.85 22.89 43.60
C TYR A 15 -29.23 22.04 42.40
N VAL A 16 -28.32 21.19 41.95
CA VAL A 16 -28.61 20.38 40.77
C VAL A 16 -29.40 19.14 41.10
N PRO A 17 -30.63 19.05 40.58
CA PRO A 17 -31.39 17.83 40.84
C PRO A 17 -30.73 16.64 40.19
N ASP A 18 -30.70 15.48 40.81
CA ASP A 18 -30.08 14.33 40.14
C ASP A 18 -30.88 14.04 38.89
N ASP A 19 -30.19 13.68 37.81
CA ASP A 19 -30.83 13.42 36.55
C ASP A 19 -30.32 12.12 35.97
N GLY A 20 -31.16 11.43 35.20
CA GLY A 20 -30.74 10.20 34.58
C GLY A 20 -30.87 8.98 35.44
N LEU A 21 -30.51 7.84 34.86
CA LEU A 21 -30.60 6.57 35.54
C LEU A 21 -29.29 5.86 35.50
N THR A 22 -29.02 5.09 36.53
CA THR A 22 -27.83 4.26 36.59
C THR A 22 -28.04 3.00 35.74
N ALA A 23 -26.93 2.41 35.31
CA ALA A 23 -27.02 1.19 34.51
C ALA A 23 -27.87 0.14 35.20
N GLN A 24 -27.71 -0.01 36.52
CA GLN A 24 -28.50 -1.01 37.24
C GLN A 24 -29.99 -0.73 37.08
N GLN A 25 -30.39 0.53 37.27
CA GLN A 25 -31.80 0.88 37.12
C GLN A 25 -32.28 0.61 35.70
N LEU A 26 -31.43 0.86 34.70
CA LEU A 26 -31.82 0.75 33.31
C LEU A 26 -31.82 -0.71 32.84
N PHE A 27 -30.74 -1.44 33.11
CA PHE A 27 -30.54 -2.77 32.54
C PHE A 27 -30.98 -3.90 33.46
N ASN A 28 -30.83 -3.74 34.78
CA ASN A 28 -31.12 -4.85 35.69
C ASN A 28 -32.60 -5.22 35.66
N CYS A 29 -33.47 -4.33 35.18
CA CYS A 29 -34.90 -4.58 35.12
C CYS A 29 -35.44 -4.04 33.81
N GLY A 30 -36.62 -4.52 33.44
CA GLY A 30 -37.29 -4.05 32.24
C GLY A 30 -37.10 -4.95 31.04
N ASP A 31 -37.10 -4.35 29.85
CA ASP A 31 -37.00 -5.09 28.61
C ASP A 31 -35.54 -5.34 28.25
N GLY A 32 -35.33 -6.25 27.30
CA GLY A 32 -34.00 -6.45 26.75
C GLY A 32 -33.62 -5.27 25.88
N LEU A 33 -32.49 -4.67 26.20
CA LEU A 33 -32.06 -3.47 25.52
C LEU A 33 -30.86 -3.69 24.61
N THR A 34 -30.73 -2.82 23.64
CA THR A 34 -29.67 -2.85 22.68
C THR A 34 -28.96 -1.51 22.72
N TYR A 35 -27.83 -1.40 22.06
CA TYR A 35 -27.06 -0.16 22.11
C TYR A 35 -27.83 1.08 21.66
N ASN A 36 -28.69 0.98 20.66
CA ASN A 36 -29.49 2.09 20.22
C ASN A 36 -30.61 2.46 21.21
N ASP A 37 -30.91 1.63 22.19
CA ASP A 37 -32.05 1.90 23.05
C ASP A 37 -31.73 2.88 24.17
N PHE A 38 -30.51 3.37 24.28
CA PHE A 38 -30.13 4.25 25.37
C PHE A 38 -28.97 5.13 24.92
N LEU A 39 -28.66 6.13 25.75
CA LEU A 39 -27.47 6.93 25.55
C LEU A 39 -26.91 7.33 26.91
N ILE A 40 -25.70 7.87 26.90
CA ILE A 40 -25.00 8.26 28.11
C ILE A 40 -24.94 9.78 28.17
N LEU A 41 -25.17 10.33 29.36
CA LEU A 41 -25.22 11.77 29.53
C LEU A 41 -23.82 12.35 29.69
N PRO A 42 -23.60 13.58 29.25
CA PRO A 42 -22.25 14.17 29.32
C PRO A 42 -21.87 14.55 30.75
N GLY A 43 -20.56 14.70 30.96
CA GLY A 43 -20.02 15.08 32.25
C GLY A 43 -19.20 16.36 32.17
N TYR A 44 -18.13 16.41 32.96
CA TYR A 44 -17.24 17.57 33.00
C TYR A 44 -15.91 17.24 32.35
N ILE A 45 -15.41 18.17 31.54
CA ILE A 45 -14.21 17.98 30.73
C ILE A 45 -13.12 18.90 31.26
N ASP A 46 -12.01 18.31 31.71
CA ASP A 46 -10.85 19.06 32.17
C ASP A 46 -9.56 18.45 31.62
N PHE A 47 -9.62 17.94 30.40
CA PHE A 47 -8.47 17.28 29.79
C PHE A 47 -8.75 17.12 28.30
N THR A 48 -7.69 16.88 27.54
CA THR A 48 -7.80 16.64 26.12
C THR A 48 -8.01 15.17 25.85
N ALA A 49 -8.69 14.88 24.72
CA ALA A 49 -9.05 13.50 24.40
C ALA A 49 -7.82 12.62 24.25
N ASP A 50 -6.70 13.18 23.77
CA ASP A 50 -5.49 12.39 23.60
C ASP A 50 -4.98 11.81 24.92
N GLN A 51 -5.35 12.39 26.05
CA GLN A 51 -4.90 11.90 27.34
C GLN A 51 -5.64 10.65 27.80
N VAL A 52 -6.70 10.23 27.10
CA VAL A 52 -7.48 9.09 27.54
C VAL A 52 -6.68 7.82 27.32
N ASP A 53 -6.68 6.93 28.32
CA ASP A 53 -5.99 5.65 28.25
C ASP A 53 -7.00 4.55 28.00
N LEU A 54 -6.77 3.75 26.96
CA LEU A 54 -7.70 2.70 26.57
C LEU A 54 -7.17 1.29 26.85
N THR A 55 -6.14 1.17 27.69
CA THR A 55 -5.62 -0.15 28.02
C THR A 55 -6.74 -1.02 28.57
N SER A 56 -6.85 -2.23 28.04
CA SER A 56 -7.91 -3.14 28.43
C SER A 56 -7.36 -4.56 28.51
N ALA A 57 -8.02 -5.38 29.31
CA ALA A 57 -7.62 -6.76 29.52
C ALA A 57 -8.37 -7.67 28.56
N LEU A 58 -7.64 -8.42 27.73
CA LEU A 58 -8.27 -9.43 26.90
C LEU A 58 -8.64 -10.64 27.74
N THR A 59 -7.70 -11.15 28.51
CA THR A 59 -7.95 -12.28 29.40
C THR A 59 -7.37 -12.00 30.79
N LYS A 60 -7.34 -13.02 31.64
CA LYS A 60 -6.84 -12.83 33.00
C LYS A 60 -5.38 -12.39 33.00
N LYS A 61 -4.60 -12.85 32.03
CA LYS A 61 -3.16 -12.54 31.99
C LYS A 61 -2.74 -11.73 30.78
N ILE A 62 -3.60 -11.55 29.77
CA ILE A 62 -3.28 -10.78 28.58
C ILE A 62 -3.90 -9.40 28.70
N THR A 63 -3.13 -8.37 28.37
CA THR A 63 -3.59 -6.99 28.41
C THR A 63 -3.21 -6.31 27.10
N LEU A 64 -4.16 -5.58 26.53
CA LEU A 64 -3.96 -4.87 25.28
C LEU A 64 -3.99 -3.37 25.52
N LYS A 65 -3.26 -2.62 24.68
CA LYS A 65 -3.28 -1.17 24.76
C LYS A 65 -4.48 -0.57 24.06
N THR A 66 -5.23 -1.36 23.28
CA THR A 66 -6.46 -0.93 22.66
C THR A 66 -7.45 -2.07 22.77
N PRO A 67 -8.73 -1.79 23.05
CA PRO A 67 -9.68 -2.87 23.33
C PRO A 67 -10.30 -3.54 22.11
N LEU A 68 -9.73 -3.35 20.92
CA LEU A 68 -10.32 -3.87 19.70
C LEU A 68 -9.79 -5.26 19.36
N VAL A 69 -10.69 -6.09 18.84
CA VAL A 69 -10.39 -7.48 18.51
C VAL A 69 -11.09 -7.82 17.20
N SER A 70 -10.40 -8.55 16.33
CA SER A 70 -10.98 -8.98 15.06
C SER A 70 -11.60 -10.36 15.20
N SER A 71 -12.82 -10.51 14.70
CA SER A 71 -13.57 -11.73 14.89
C SER A 71 -12.93 -12.89 14.13
N PRO A 72 -13.07 -14.12 14.63
CA PRO A 72 -12.51 -15.30 13.92
C PRO A 72 -13.45 -15.79 12.82
N MET A 73 -13.51 -15.01 11.73
CA MET A 73 -14.36 -15.34 10.59
C MET A 73 -13.47 -15.55 9.37
N ASP A 74 -13.87 -16.50 8.52
CA ASP A 74 -13.12 -16.76 7.30
C ASP A 74 -13.07 -15.53 6.41
N THR A 75 -14.07 -14.65 6.50
CA THR A 75 -14.11 -13.43 5.71
C THR A 75 -13.39 -12.26 6.36
N VAL A 76 -13.00 -12.37 7.64
CA VAL A 76 -12.47 -11.24 8.41
C VAL A 76 -10.99 -11.42 8.72
N THR A 77 -10.64 -12.46 9.45
CA THR A 77 -9.32 -12.54 10.09
C THR A 77 -8.52 -13.71 9.53
N GLU A 78 -7.37 -13.40 8.96
CA GLU A 78 -6.34 -14.39 8.67
C GLU A 78 -5.02 -13.77 9.14
N ALA A 79 -3.89 -14.35 8.70
CA ALA A 79 -2.59 -13.89 9.20
C ALA A 79 -2.41 -12.39 8.96
N GLY A 80 -2.84 -11.89 7.79
CA GLY A 80 -2.70 -10.48 7.51
C GLY A 80 -3.49 -9.61 8.47
N MET A 81 -4.72 -10.01 8.77
CA MET A 81 -5.55 -9.27 9.72
C MET A 81 -4.93 -9.29 11.12
N ALA A 82 -4.58 -10.49 11.61
CA ALA A 82 -4.07 -10.60 12.97
C ALA A 82 -2.81 -9.77 13.17
N ILE A 83 -1.93 -9.75 12.17
CA ILE A 83 -0.71 -8.94 12.27
C ILE A 83 -1.06 -7.47 12.45
N ALA A 84 -1.92 -6.94 11.58
CA ALA A 84 -2.24 -5.52 11.64
C ALA A 84 -2.94 -5.16 12.95
N MET A 85 -3.87 -6.00 13.40
CA MET A 85 -4.54 -5.75 14.67
C MET A 85 -3.53 -5.70 15.82
N ALA A 86 -2.59 -6.64 15.84
CA ALA A 86 -1.59 -6.66 16.90
C ALA A 86 -0.73 -5.40 16.86
N LEU A 87 -0.31 -4.97 15.68
CA LEU A 87 0.55 -3.79 15.57
C LEU A 87 -0.17 -2.53 16.02
N THR A 88 -1.48 -2.44 15.82
CA THR A 88 -2.24 -1.26 16.17
C THR A 88 -2.71 -1.26 17.62
N GLY A 89 -2.35 -2.28 18.41
CA GLY A 89 -2.66 -2.33 19.82
C GLY A 89 -3.70 -3.36 20.21
N GLY A 90 -4.30 -4.05 19.25
CA GLY A 90 -5.31 -5.05 19.53
C GLY A 90 -4.77 -6.46 19.36
N ILE A 91 -5.66 -7.37 18.98
CA ILE A 91 -5.30 -8.75 18.69
C ILE A 91 -6.29 -9.28 17.66
N GLY A 92 -5.89 -10.31 16.93
CA GLY A 92 -6.76 -10.96 15.99
C GLY A 92 -6.87 -12.44 16.27
N PHE A 93 -8.04 -13.00 15.99
CA PHE A 93 -8.32 -14.41 16.20
C PHE A 93 -8.53 -15.08 14.85
N ILE A 94 -7.68 -16.05 14.55
CA ILE A 94 -7.71 -16.76 13.28
C ILE A 94 -8.86 -17.75 13.28
N HIS A 95 -9.63 -17.78 12.20
CA HIS A 95 -10.77 -18.67 12.11
C HIS A 95 -10.32 -20.12 11.96
N HIS A 96 -11.21 -21.04 12.32
CA HIS A 96 -10.93 -22.48 12.24
C HIS A 96 -11.69 -23.15 11.11
N ASN A 97 -12.27 -22.38 10.19
CA ASN A 97 -12.95 -22.94 9.02
C ASN A 97 -11.91 -23.22 7.93
N CYS A 98 -11.04 -24.16 8.23
CA CYS A 98 -9.94 -24.54 7.33
C CYS A 98 -9.25 -25.75 7.93
N THR A 99 -8.29 -26.29 7.20
CA THR A 99 -7.56 -27.45 7.68
C THR A 99 -6.67 -27.05 8.86
N PRO A 100 -6.53 -27.91 9.88
CA PRO A 100 -5.69 -27.54 11.04
C PRO A 100 -4.31 -27.04 10.67
N GLU A 101 -3.65 -27.68 9.69
CA GLU A 101 -2.30 -27.28 9.34
C GLU A 101 -2.27 -25.87 8.77
N PHE A 102 -3.26 -25.52 7.94
CA PHE A 102 -3.35 -24.16 7.42
C PHE A 102 -3.49 -23.15 8.54
N GLN A 103 -4.34 -23.43 9.52
CA GLN A 103 -4.56 -22.50 10.62
C GLN A 103 -3.27 -22.30 11.42
N ALA A 104 -2.58 -23.39 11.75
CA ALA A 104 -1.34 -23.29 12.49
C ALA A 104 -0.31 -22.46 11.74
N ASN A 105 -0.25 -22.59 10.42
CA ASN A 105 0.68 -21.80 9.64
C ASN A 105 0.35 -20.31 9.72
N GLU A 106 -0.93 -19.97 9.63
CA GLU A 106 -1.33 -18.57 9.77
C GLU A 106 -0.93 -18.03 11.12
N VAL A 107 -1.05 -18.84 12.17
CA VAL A 107 -0.57 -18.43 13.49
C VAL A 107 0.94 -18.19 13.42
N ARG A 108 1.67 -19.10 12.79
CA ARG A 108 3.12 -18.97 12.70
C ARG A 108 3.52 -17.66 12.04
N LYS A 109 2.79 -17.25 11.00
CA LYS A 109 3.13 -16.01 10.31
C LYS A 109 2.99 -14.81 11.24
N VAL A 110 1.96 -14.81 12.10
CA VAL A 110 1.77 -13.70 13.02
C VAL A 110 2.92 -13.63 14.02
N LYS A 111 3.28 -14.78 14.60
CA LYS A 111 4.31 -14.79 15.63
C LYS A 111 5.69 -14.49 15.06
N LYS A 112 5.94 -14.92 13.81
CA LYS A 112 7.25 -14.73 13.19
C LYS A 112 7.39 -13.35 12.53
N TYR A 113 6.31 -12.58 12.41
CA TYR A 113 6.39 -11.28 11.75
C TYR A 113 7.41 -10.39 12.44
N GLU A 114 7.14 -10.00 13.68
CA GLU A 114 8.09 -9.25 14.49
C GLU A 114 8.74 -10.20 15.49
N GLN A 115 10.03 -9.96 15.77
CA GLN A 115 10.81 -10.86 16.59
C GLN A 115 11.92 -10.08 17.28
N GLY A 116 12.37 -10.58 18.43
CA GLY A 116 13.47 -10.04 19.18
C GLY A 116 14.71 -10.88 18.97
N PHE A 117 14.99 -11.82 19.87
CA PHE A 117 16.02 -12.82 19.64
C PHE A 117 15.45 -13.90 18.73
N ILE A 118 16.01 -14.04 17.53
CA ILE A 118 15.48 -14.96 16.53
C ILE A 118 16.12 -16.33 16.77
N THR A 119 15.34 -17.24 17.35
CA THR A 119 15.72 -18.64 17.44
C THR A 119 15.13 -19.40 16.26
N ASP A 120 15.88 -20.39 15.78
CA ASP A 120 15.49 -21.15 14.61
C ASP A 120 15.32 -20.25 13.39
N PRO A 121 16.32 -19.42 13.06
CA PRO A 121 16.29 -18.68 11.80
C PRO A 121 16.71 -19.57 10.64
N VAL A 122 16.52 -19.04 9.43
CA VAL A 122 17.00 -19.72 8.24
C VAL A 122 18.52 -19.67 8.22
N VAL A 123 19.14 -20.83 8.05
CA VAL A 123 20.60 -20.94 8.01
C VAL A 123 20.97 -21.82 6.83
N LEU A 124 22.18 -21.61 6.32
CA LEU A 124 22.67 -22.36 5.16
C LEU A 124 24.14 -22.71 5.40
N SER A 125 24.63 -23.62 4.58
CA SER A 125 26.03 -24.01 4.61
C SER A 125 26.79 -23.34 3.48
N PRO A 126 28.13 -23.25 3.59
CA PRO A 126 28.90 -22.69 2.46
C PRO A 126 28.72 -23.49 1.18
N LYS A 127 28.43 -24.79 1.29
CA LYS A 127 28.22 -25.61 0.10
C LYS A 127 26.94 -25.23 -0.63
N ASP A 128 25.97 -24.64 0.05
CA ASP A 128 24.75 -24.20 -0.61
C ASP A 128 25.09 -23.12 -1.64
N ARG A 129 24.13 -22.84 -2.51
CA ARG A 129 24.34 -21.93 -3.63
C ARG A 129 23.42 -20.72 -3.51
N VAL A 130 23.72 -19.70 -4.34
CA VAL A 130 22.90 -18.50 -4.35
C VAL A 130 21.47 -18.84 -4.77
N ARG A 131 21.34 -19.87 -5.60
CA ARG A 131 20.02 -20.30 -6.04
C ARG A 131 19.18 -20.70 -4.82
N ASP A 132 19.76 -21.42 -3.86
CA ASP A 132 19.05 -21.75 -2.65
C ASP A 132 18.65 -20.49 -1.85
N VAL A 133 19.51 -19.48 -1.78
CA VAL A 133 19.14 -18.28 -1.06
C VAL A 133 17.92 -17.65 -1.71
N PHE A 134 17.86 -17.60 -3.03
CA PHE A 134 16.66 -17.07 -3.67
C PHE A 134 15.43 -17.87 -3.29
N GLU A 135 15.59 -19.17 -3.03
CA GLU A 135 14.46 -19.99 -2.62
C GLU A 135 13.91 -19.55 -1.28
N ALA A 136 14.77 -19.03 -0.39
CA ALA A 136 14.30 -18.57 0.90
C ALA A 136 13.52 -17.27 0.77
N LYS A 137 14.09 -16.28 0.09
CA LYS A 137 13.40 -15.01 -0.09
C LYS A 137 12.02 -15.19 -0.71
N ALA A 138 11.87 -16.20 -1.58
CA ALA A 138 10.56 -16.47 -2.18
C ALA A 138 9.65 -17.24 -1.24
N ARG A 139 10.22 -18.03 -0.34
CA ARG A 139 9.43 -18.83 0.59
C ARG A 139 9.05 -18.07 1.85
N HIS A 140 9.97 -17.29 2.43
CA HIS A 140 9.73 -16.60 3.68
C HIS A 140 9.71 -15.08 3.55
N GLY A 141 10.11 -14.52 2.41
CA GLY A 141 10.04 -13.09 2.21
C GLY A 141 11.25 -12.30 2.66
N PHE A 142 12.30 -12.95 3.17
CA PHE A 142 13.50 -12.27 3.60
C PHE A 142 14.71 -13.05 3.10
N CYS A 143 15.79 -12.32 2.81
CA CYS A 143 17.00 -12.92 2.26
C CYS A 143 18.23 -12.69 3.15
N GLY A 144 18.04 -12.28 4.39
CA GLY A 144 19.14 -12.16 5.33
C GLY A 144 19.41 -13.47 6.02
N ILE A 145 20.50 -14.15 5.66
CA ILE A 145 20.73 -15.51 6.10
C ILE A 145 22.11 -15.66 6.72
N PRO A 146 22.23 -16.16 7.94
CA PRO A 146 23.54 -16.60 8.43
C PRO A 146 23.87 -18.00 7.94
N ILE A 147 25.16 -18.27 7.78
CA ILE A 147 25.63 -19.50 7.15
C ILE A 147 26.51 -20.23 8.16
N THR A 148 26.30 -21.53 8.31
CA THR A 148 27.02 -22.33 9.28
C THR A 148 27.68 -23.53 8.60
N ASP A 149 28.70 -24.07 9.29
CA ASP A 149 29.43 -25.22 8.76
C ASP A 149 28.47 -26.34 8.38
N THR A 150 27.57 -26.69 9.29
CA THR A 150 26.67 -27.83 9.10
C THR A 150 25.37 -27.46 8.40
N GLY A 151 25.14 -26.19 8.11
CA GLY A 151 23.86 -25.77 7.58
C GLY A 151 22.74 -25.81 8.59
N ARG A 152 23.06 -26.06 9.85
CA ARG A 152 22.11 -26.08 10.95
C ARG A 152 22.44 -24.97 11.93
N MET A 153 21.61 -24.86 12.98
CA MET A 153 21.75 -23.76 13.92
C MET A 153 22.97 -23.95 14.83
N GLY A 154 23.25 -25.19 15.22
CA GLY A 154 24.28 -25.44 16.21
C GLY A 154 25.70 -25.23 15.71
N SER A 155 25.91 -25.25 14.41
CA SER A 155 27.25 -25.13 13.86
C SER A 155 27.84 -23.76 14.05
N ARG A 156 29.15 -23.66 13.93
CA ARG A 156 29.86 -22.40 14.06
C ARG A 156 29.49 -21.46 12.91
N LEU A 157 29.51 -20.16 13.16
CA LEU A 157 29.12 -19.20 12.15
C LEU A 157 30.27 -18.79 11.25
N VAL A 158 30.36 -19.39 10.07
CA VAL A 158 31.40 -19.03 9.12
C VAL A 158 31.29 -17.65 8.44
N GLY A 159 30.09 -17.30 7.98
CA GLY A 159 29.87 -16.04 7.28
C GLY A 159 28.40 -15.63 7.21
N ILE A 160 28.14 -14.41 6.77
CA ILE A 160 26.77 -13.92 6.66
C ILE A 160 26.39 -13.51 5.25
N ILE A 161 25.10 -13.52 4.98
CA ILE A 161 24.55 -13.20 3.68
C ILE A 161 23.47 -12.14 3.85
N SER A 162 23.36 -11.24 2.87
CA SER A 162 22.36 -10.18 2.89
C SER A 162 21.78 -9.98 1.50
N SER A 163 20.84 -9.03 1.41
CA SER A 163 20.24 -8.68 0.13
C SER A 163 21.26 -8.10 -0.84
N ARG A 164 22.06 -7.14 -0.37
CA ARG A 164 22.97 -6.43 -1.26
C ARG A 164 24.03 -7.34 -1.85
N ASP A 165 24.36 -8.44 -1.17
CA ASP A 165 25.27 -9.42 -1.74
C ASP A 165 24.66 -10.10 -2.97
N ILE A 166 23.35 -10.28 -2.98
CA ILE A 166 22.67 -10.99 -4.07
C ILE A 166 21.90 -10.05 -4.98
N ASP A 167 21.73 -8.77 -4.61
CA ASP A 167 20.79 -7.89 -5.30
C ASP A 167 20.95 -7.96 -6.81
N PHE A 168 22.18 -7.86 -7.27
CA PHE A 168 22.42 -7.81 -8.65
C PHE A 168 23.51 -8.70 -9.21
N LEU A 169 23.45 -9.95 -8.86
CA LEU A 169 24.35 -10.98 -9.37
C LEU A 169 24.14 -11.44 -10.84
N LYS A 170 22.87 -11.58 -11.26
CA LYS A 170 22.38 -12.00 -12.61
C LYS A 170 22.36 -13.54 -12.78
N GLU A 171 21.74 -14.01 -13.86
CA GLU A 171 21.56 -15.45 -14.06
C GLU A 171 22.83 -16.28 -14.13
N GLU A 172 23.87 -15.79 -14.80
CA GLU A 172 25.11 -16.54 -14.88
C GLU A 172 25.67 -16.79 -13.48
N GLU A 173 25.67 -15.77 -12.61
CA GLU A 173 26.12 -15.96 -11.24
C GLU A 173 25.24 -16.85 -10.33
N HIS A 174 24.01 -17.22 -10.70
CA HIS A 174 23.20 -18.09 -9.86
C HIS A 174 23.79 -19.50 -9.76
N ASP A 175 23.40 -20.21 -8.69
CA ASP A 175 23.93 -21.53 -8.37
C ASP A 175 25.45 -21.53 -8.21
N CYS A 176 25.95 -20.60 -7.41
CA CYS A 176 27.36 -20.48 -7.11
C CYS A 176 27.44 -20.74 -5.62
N PHE A 177 28.50 -21.41 -5.18
CA PHE A 177 28.61 -21.73 -3.77
C PHE A 177 28.64 -20.45 -2.94
N LEU A 178 27.97 -20.46 -1.80
CA LEU A 178 27.89 -19.28 -0.96
C LEU A 178 29.24 -18.88 -0.44
N GLU A 179 30.17 -19.81 -0.38
CA GLU A 179 31.51 -19.49 0.14
C GLU A 179 32.08 -18.26 -0.53
N GLU A 180 31.79 -18.05 -1.82
CA GLU A 180 32.33 -16.91 -2.54
C GLU A 180 31.57 -15.62 -2.22
N ILE A 181 30.24 -15.69 -2.21
CA ILE A 181 29.42 -14.48 -2.09
C ILE A 181 29.39 -13.97 -0.65
N MET A 182 29.21 -14.86 0.31
CA MET A 182 29.05 -14.44 1.69
C MET A 182 30.25 -13.63 2.14
N THR A 183 30.04 -12.85 3.20
CA THR A 183 31.11 -12.07 3.82
C THR A 183 31.71 -12.88 4.98
N LYS A 184 33.04 -12.94 5.02
CA LYS A 184 33.72 -13.84 5.95
C LYS A 184 33.45 -13.42 7.39
N ARG A 185 33.74 -14.33 8.31
CA ARG A 185 33.58 -14.06 9.72
C ARG A 185 34.50 -12.96 10.23
N GLU A 186 35.73 -12.92 9.72
CA GLU A 186 36.71 -11.94 10.19
C GLU A 186 36.16 -10.52 10.09
N ASP A 187 35.48 -10.21 8.99
CA ASP A 187 34.96 -8.86 8.79
C ASP A 187 33.77 -8.56 9.69
N LEU A 188 33.06 -9.59 10.16
CA LEU A 188 31.80 -9.39 10.86
C LEU A 188 31.99 -8.89 12.27
N VAL A 189 30.90 -8.34 12.80
CA VAL A 189 30.78 -7.96 14.21
C VAL A 189 29.74 -8.88 14.83
N VAL A 190 30.07 -9.42 16.01
CA VAL A 190 29.21 -10.40 16.66
C VAL A 190 29.07 -10.02 18.14
N ALA A 191 28.09 -10.63 18.79
CA ALA A 191 27.86 -10.44 20.22
C ALA A 191 27.82 -11.79 20.91
N PRO A 192 28.27 -11.86 22.17
CA PRO A 192 28.28 -13.14 22.88
C PRO A 192 26.89 -13.56 23.31
N ALA A 193 26.74 -14.85 23.58
CA ALA A 193 25.46 -15.40 24.01
C ALA A 193 25.16 -15.01 25.46
N GLY A 194 23.87 -15.07 25.80
CA GLY A 194 23.42 -14.78 27.14
C GLY A 194 23.21 -13.31 27.46
N ILE A 195 23.41 -12.41 26.50
CA ILE A 195 23.28 -10.98 26.76
C ILE A 195 21.82 -10.56 26.65
N THR A 196 21.51 -9.48 27.35
CA THR A 196 20.18 -8.93 27.37
C THR A 196 19.82 -8.37 26.01
N LEU A 197 18.54 -8.37 25.70
CA LEU A 197 18.07 -7.86 24.45
C LEU A 197 18.44 -6.39 24.30
N LYS A 198 18.30 -5.57 25.34
CA LYS A 198 18.67 -4.16 25.22
C LYS A 198 20.14 -4.00 24.86
N GLU A 199 21.04 -4.73 25.52
CA GLU A 199 22.45 -4.63 25.18
C GLU A 199 22.70 -5.07 23.74
N ALA A 200 22.11 -6.18 23.31
CA ALA A 200 22.29 -6.58 21.93
C ALA A 200 21.77 -5.52 20.96
N ASN A 201 20.60 -4.94 21.23
CA ASN A 201 20.08 -3.91 20.36
C ASN A 201 21.03 -2.72 20.31
N GLU A 202 21.56 -2.27 21.44
CA GLU A 202 22.49 -1.15 21.39
C GLU A 202 23.71 -1.50 20.54
N ILE A 203 24.27 -2.70 20.69
CA ILE A 203 25.40 -3.06 19.84
C ILE A 203 25.01 -3.04 18.37
N LEU A 204 23.87 -3.63 18.02
CA LEU A 204 23.44 -3.61 16.63
C LEU A 204 23.26 -2.20 16.11
N GLN A 205 22.64 -1.32 16.89
CA GLN A 205 22.47 0.05 16.45
C GLN A 205 23.80 0.75 16.23
N ARG A 206 24.77 0.57 17.11
CA ARG A 206 26.06 1.22 16.92
C ARG A 206 26.77 0.74 15.66
N SER A 207 26.66 -0.55 15.36
CA SER A 207 27.38 -1.13 14.24
C SER A 207 26.83 -0.70 12.90
N LYS A 208 25.61 -0.17 12.86
CA LYS A 208 24.99 0.30 11.62
C LYS A 208 24.94 -0.83 10.58
N LYS A 209 24.59 -2.03 11.04
CA LYS A 209 24.46 -3.20 10.19
C LYS A 209 23.03 -3.71 10.26
N GLY A 210 22.68 -4.55 9.29
CA GLY A 210 21.33 -5.07 9.22
C GLY A 210 21.04 -6.14 10.24
N LYS A 211 22.03 -6.98 10.54
CA LYS A 211 21.86 -8.11 11.43
C LYS A 211 23.03 -8.17 12.40
N LEU A 212 22.80 -8.79 13.55
CA LEU A 212 23.86 -9.03 14.55
C LEU A 212 23.78 -10.48 15.02
N PRO A 213 24.72 -11.34 14.65
CA PRO A 213 24.68 -12.72 15.15
C PRO A 213 25.07 -12.81 16.62
N ILE A 214 24.49 -13.81 17.28
CA ILE A 214 24.80 -14.13 18.67
C ILE A 214 25.50 -15.48 18.71
N VAL A 215 26.57 -15.55 19.48
CA VAL A 215 27.37 -16.76 19.61
C VAL A 215 27.72 -17.03 21.08
N ASN A 216 28.14 -18.27 21.34
CA ASN A 216 28.53 -18.74 22.67
C ASN A 216 30.06 -18.54 22.89
N GLU A 217 30.71 -19.22 23.84
CA GLU A 217 32.15 -19.06 23.98
C GLU A 217 32.83 -19.48 22.66
N ASP A 218 32.42 -20.60 22.08
CA ASP A 218 32.89 -21.00 20.76
C ASP A 218 32.05 -20.23 19.74
N ASP A 219 32.44 -20.21 18.48
CA ASP A 219 31.67 -19.41 17.52
C ASP A 219 30.29 -19.92 17.03
N GLU A 220 29.78 -21.06 17.51
CA GLU A 220 28.49 -21.52 17.03
C GLU A 220 27.37 -20.50 17.27
N LEU A 221 26.53 -20.39 16.24
CA LEU A 221 25.39 -19.49 16.16
C LEU A 221 24.27 -19.96 17.09
N VAL A 222 23.83 -19.08 17.99
CA VAL A 222 22.73 -19.39 18.89
C VAL A 222 21.50 -18.53 18.63
N ALA A 223 21.68 -17.30 18.14
CA ALA A 223 20.55 -16.43 17.84
C ALA A 223 21.03 -15.27 16.98
N ILE A 224 20.08 -14.53 16.44
CA ILE A 224 20.37 -13.34 15.64
C ILE A 224 19.26 -12.32 15.89
N ILE A 225 19.61 -11.04 15.73
CA ILE A 225 18.64 -9.96 15.84
C ILE A 225 18.76 -9.09 14.59
N ALA A 226 17.65 -8.51 14.18
CA ALA A 226 17.56 -7.75 12.94
C ALA A 226 17.25 -6.30 13.22
N ARG A 227 17.81 -5.41 12.39
CA ARG A 227 17.57 -3.98 12.56
C ARG A 227 16.11 -3.62 12.31
N THR A 228 15.48 -4.28 11.33
CA THR A 228 14.10 -3.93 10.99
C THR A 228 13.17 -4.11 12.19
N ASP A 229 13.45 -5.09 13.06
CA ASP A 229 12.63 -5.26 14.24
C ASP A 229 12.64 -4.01 15.11
N LEU A 230 13.78 -3.33 15.22
CA LEU A 230 13.82 -2.06 15.93
C LEU A 230 12.99 -1.00 15.21
N LYS A 231 12.97 -1.03 13.89
CA LYS A 231 12.14 -0.09 13.14
C LYS A 231 10.66 -0.35 13.41
N LYS A 232 10.25 -1.61 13.39
CA LYS A 232 8.86 -1.95 13.71
C LYS A 232 8.51 -1.51 15.11
N ASN A 233 9.43 -1.70 16.06
CA ASN A 233 9.21 -1.23 17.42
C ASN A 233 8.95 0.27 17.46
N ARG A 234 9.84 1.04 16.82
CA ARG A 234 9.71 2.49 16.80
C ARG A 234 8.47 2.93 16.02
N ASP A 235 8.16 2.23 14.93
CA ASP A 235 7.04 2.64 14.09
C ASP A 235 5.69 2.31 14.73
N TYR A 236 5.62 1.25 15.54
CA TYR A 236 4.36 0.79 16.13
C TYR A 236 4.50 0.76 17.65
N PRO A 237 4.29 1.90 18.32
CA PRO A 237 4.49 1.93 19.78
C PRO A 237 3.48 1.07 20.54
N LEU A 238 2.29 0.83 20.01
CA LEU A 238 1.24 0.14 20.75
C LEU A 238 1.20 -1.36 20.50
N ALA A 239 2.13 -1.90 19.70
CA ALA A 239 2.07 -3.31 19.31
C ALA A 239 1.94 -4.21 20.53
N SER A 240 1.05 -5.20 20.42
CA SER A 240 0.76 -6.18 21.47
C SER A 240 1.78 -7.31 21.34
N LYS A 241 2.76 -7.41 22.24
CA LYS A 241 3.84 -8.41 22.15
C LYS A 241 3.96 -9.14 23.48
N ASP A 242 4.59 -10.32 23.43
CA ASP A 242 4.86 -11.23 24.57
C ASP A 242 6.24 -10.90 25.15
N ALA A 243 6.80 -11.71 26.06
CA ALA A 243 8.13 -11.54 26.68
C ALA A 243 9.26 -11.67 25.65
N LYS A 244 9.04 -12.41 24.56
CA LYS A 244 10.01 -12.63 23.45
C LYS A 244 9.90 -11.54 22.36
N LYS A 245 9.04 -10.52 22.55
CA LYS A 245 8.81 -9.36 21.63
C LYS A 245 8.23 -9.85 20.31
N GLN A 246 7.35 -10.85 20.38
CA GLN A 246 6.62 -11.44 19.24
C GLN A 246 5.17 -10.99 19.34
N LEU A 247 4.54 -10.57 18.22
CA LEU A 247 3.14 -10.08 18.20
C LEU A 247 2.21 -11.18 18.75
N LEU A 248 1.20 -10.78 19.53
CA LEU A 248 0.19 -11.69 20.13
C LEU A 248 -0.75 -12.19 19.03
N CYS A 249 -1.16 -13.45 19.11
CA CYS A 249 -2.04 -14.09 18.15
C CYS A 249 -3.03 -14.99 18.88
N GLY A 250 -4.24 -15.10 18.31
CA GLY A 250 -5.26 -15.98 18.84
C GLY A 250 -5.86 -16.83 17.73
N ALA A 251 -6.59 -17.86 18.15
CA ALA A 251 -7.19 -18.80 17.21
C ALA A 251 -8.51 -19.31 17.75
N ALA A 252 -9.45 -19.54 16.83
CA ALA A 252 -10.73 -20.13 17.17
C ALA A 252 -10.64 -21.65 17.06
N ILE A 253 -11.56 -22.34 17.74
CA ILE A 253 -11.51 -23.79 17.84
C ILE A 253 -12.91 -24.28 18.19
N GLY A 254 -13.23 -25.50 17.77
CA GLY A 254 -14.45 -26.16 18.18
C GLY A 254 -14.26 -27.01 19.42
N THR A 255 -15.37 -27.56 19.91
CA THR A 255 -15.37 -28.35 21.13
C THR A 255 -15.43 -29.85 20.89
N HIS A 256 -15.25 -30.31 19.65
CA HIS A 256 -15.30 -31.74 19.39
C HIS A 256 -13.98 -32.40 19.80
N GLU A 257 -14.00 -33.73 19.85
CA GLU A 257 -12.79 -34.47 20.16
C GLU A 257 -11.72 -34.27 19.08
N ASP A 258 -12.15 -34.20 17.82
CA ASP A 258 -11.20 -34.00 16.73
C ASP A 258 -10.38 -32.73 16.90
N ASP A 259 -10.97 -31.68 17.47
CA ASP A 259 -10.27 -30.40 17.60
C ASP A 259 -9.05 -30.48 18.52
N LYS A 260 -8.94 -31.52 19.33
CA LYS A 260 -7.77 -31.65 20.20
C LYS A 260 -6.49 -31.71 19.37
N TYR A 261 -6.51 -32.42 18.25
CA TYR A 261 -5.36 -32.43 17.35
C TYR A 261 -5.09 -31.03 16.81
N ARG A 262 -6.14 -30.33 16.39
CA ARG A 262 -5.99 -28.95 15.95
C ARG A 262 -5.36 -28.10 17.05
N LEU A 263 -5.79 -28.31 18.29
CA LEU A 263 -5.24 -27.54 19.41
C LEU A 263 -3.75 -27.79 19.55
N ASP A 264 -3.33 -29.06 19.50
CA ASP A 264 -1.91 -29.38 19.60
C ASP A 264 -1.10 -28.60 18.57
N LEU A 265 -1.59 -28.54 17.33
CA LEU A 265 -0.88 -27.80 16.30
C LEU A 265 -0.82 -26.31 16.63
N LEU A 266 -1.95 -25.73 17.06
CA LEU A 266 -1.97 -24.32 17.39
C LEU A 266 -1.06 -24.01 18.57
N ALA A 267 -1.06 -24.87 19.59
CA ALA A 267 -0.17 -24.65 20.73
C ALA A 267 1.29 -24.72 20.28
N GLN A 268 1.63 -25.74 19.49
CA GLN A 268 3.00 -25.85 18.99
C GLN A 268 3.32 -24.71 18.03
N ALA A 269 2.31 -24.14 17.37
CA ALA A 269 2.53 -22.99 16.50
C ALA A 269 2.77 -21.71 17.28
N GLY A 270 2.49 -21.71 18.58
CA GLY A 270 2.76 -20.56 19.43
C GLY A 270 1.58 -19.67 19.76
N VAL A 271 0.35 -20.11 19.45
CA VAL A 271 -0.81 -19.25 19.71
C VAL A 271 -0.86 -18.92 21.20
N ASP A 272 -1.17 -17.66 21.51
CA ASP A 272 -1.19 -17.20 22.88
C ASP A 272 -2.54 -17.42 23.56
N VAL A 273 -3.63 -17.29 22.82
CA VAL A 273 -4.97 -17.40 23.37
C VAL A 273 -5.83 -18.19 22.39
N VAL A 274 -6.84 -18.88 22.92
CA VAL A 274 -7.74 -19.72 22.14
C VAL A 274 -9.17 -19.38 22.51
N VAL A 275 -10.05 -19.50 21.52
CA VAL A 275 -11.48 -19.24 21.70
C VAL A 275 -12.25 -20.48 21.27
N LEU A 276 -13.20 -20.90 22.10
CA LEU A 276 -14.07 -22.02 21.78
C LEU A 276 -15.28 -21.50 21.02
N ASP A 277 -15.42 -21.93 19.77
CA ASP A 277 -16.43 -21.40 18.87
C ASP A 277 -17.73 -22.17 19.05
N SER A 278 -18.71 -21.54 19.69
CA SER A 278 -20.01 -22.18 19.94
C SER A 278 -21.04 -21.09 20.15
N SER A 279 -22.27 -21.36 19.72
CA SER A 279 -23.36 -20.41 19.89
C SER A 279 -23.93 -20.45 21.30
N GLN A 280 -23.90 -21.61 21.96
CA GLN A 280 -24.42 -21.79 23.31
C GLN A 280 -23.31 -22.44 24.13
N GLY A 281 -22.51 -21.62 24.82
CA GLY A 281 -21.31 -22.12 25.47
C GLY A 281 -21.57 -22.97 26.68
N ASN A 282 -22.69 -22.76 27.37
CA ASN A 282 -22.97 -23.44 28.63
C ASN A 282 -23.38 -24.88 28.35
N SER A 283 -22.38 -25.71 28.04
CA SER A 283 -22.61 -27.12 27.73
C SER A 283 -21.51 -27.95 28.36
N ILE A 284 -21.84 -29.22 28.63
CA ILE A 284 -20.86 -30.14 29.19
C ILE A 284 -19.69 -30.32 28.25
N PHE A 285 -19.92 -30.25 26.94
CA PHE A 285 -18.84 -30.45 25.98
C PHE A 285 -17.80 -29.34 26.10
N GLN A 286 -18.26 -28.09 26.19
CA GLN A 286 -17.33 -26.98 26.32
C GLN A 286 -16.60 -27.03 27.66
N ILE A 287 -17.33 -27.41 28.73
CA ILE A 287 -16.70 -27.50 30.04
C ILE A 287 -15.57 -28.52 30.02
N ASN A 288 -15.85 -29.71 29.46
CA ASN A 288 -14.82 -30.75 29.38
C ASN A 288 -13.61 -30.26 28.60
N MET A 289 -13.84 -29.63 27.45
CA MET A 289 -12.73 -29.13 26.65
C MET A 289 -11.86 -28.16 27.44
N ILE A 290 -12.50 -27.21 28.13
CA ILE A 290 -11.76 -26.21 28.88
C ILE A 290 -10.87 -26.89 29.93
N LYS A 291 -11.43 -27.81 30.70
CA LYS A 291 -10.64 -28.52 31.70
C LYS A 291 -9.46 -29.21 31.05
N TYR A 292 -9.68 -29.87 29.91
CA TYR A 292 -8.61 -30.56 29.20
C TYR A 292 -7.51 -29.59 28.79
N ILE A 293 -7.88 -28.39 28.35
CA ILE A 293 -6.89 -27.42 27.90
C ILE A 293 -6.09 -26.88 29.09
N LYS A 294 -6.79 -26.44 30.13
CA LYS A 294 -6.11 -25.87 31.30
C LYS A 294 -5.18 -26.89 31.95
N ASP A 295 -5.47 -28.18 31.78
CA ASP A 295 -4.59 -29.22 32.31
C ASP A 295 -3.37 -29.43 31.42
N LYS A 296 -3.59 -29.62 30.11
CA LYS A 296 -2.48 -29.92 29.21
C LYS A 296 -1.63 -28.69 28.95
N TYR A 297 -2.25 -27.52 28.82
CA TYR A 297 -1.55 -26.27 28.52
C TYR A 297 -1.87 -25.25 29.60
N PRO A 298 -1.19 -25.31 30.75
CA PRO A 298 -1.46 -24.31 31.79
C PRO A 298 -1.16 -22.89 31.35
N ASN A 299 -0.11 -22.68 30.57
CA ASN A 299 0.22 -21.34 30.09
C ASN A 299 -0.86 -20.79 29.18
N LEU A 300 -1.50 -21.64 28.40
CA LEU A 300 -2.45 -21.18 27.38
C LEU A 300 -3.69 -20.57 28.02
N GLN A 301 -4.22 -19.53 27.37
CA GLN A 301 -5.41 -18.83 27.81
C GLN A 301 -6.62 -19.31 27.02
N VAL A 302 -7.72 -19.56 27.72
CA VAL A 302 -8.95 -20.10 27.11
C VAL A 302 -10.06 -19.08 27.31
N ILE A 303 -10.90 -18.92 26.29
CA ILE A 303 -12.00 -17.96 26.29
C ILE A 303 -13.31 -18.73 26.13
N GLY A 304 -14.22 -18.52 27.07
CA GLY A 304 -15.49 -19.21 27.01
C GLY A 304 -16.36 -18.71 25.87
N GLY A 305 -17.13 -19.64 25.29
CA GLY A 305 -17.73 -19.42 24.00
C GLY A 305 -19.19 -19.06 24.02
N ASN A 306 -19.49 -17.76 24.09
CA ASN A 306 -20.83 -17.23 23.89
C ASN A 306 -21.78 -17.57 25.05
N VAL A 307 -21.91 -16.62 25.98
CA VAL A 307 -22.89 -16.68 27.04
C VAL A 307 -23.65 -15.36 27.02
N VAL A 308 -24.86 -15.36 27.57
CA VAL A 308 -25.67 -14.15 27.63
C VAL A 308 -26.38 -14.06 28.97
N THR A 309 -26.00 -14.91 29.93
CA THR A 309 -26.58 -14.89 31.25
C THR A 309 -25.49 -15.18 32.28
N ALA A 310 -25.75 -14.75 33.52
CA ALA A 310 -24.80 -15.00 34.60
C ALA A 310 -24.68 -16.50 34.88
N ALA A 311 -25.79 -17.23 34.84
CA ALA A 311 -25.75 -18.66 35.12
C ALA A 311 -24.80 -19.37 34.17
N GLN A 312 -24.86 -19.05 32.87
CA GLN A 312 -23.92 -19.62 31.93
C GLN A 312 -22.49 -19.27 32.29
N ALA A 313 -22.25 -17.99 32.63
CA ALA A 313 -20.91 -17.55 32.99
C ALA A 313 -20.36 -18.36 34.16
N LYS A 314 -21.22 -18.67 35.13
CA LYS A 314 -20.77 -19.36 36.33
C LYS A 314 -20.15 -20.71 35.99
N ASN A 315 -20.83 -21.50 35.15
CA ASN A 315 -20.33 -22.83 34.82
C ASN A 315 -18.99 -22.76 34.11
N LEU A 316 -18.81 -21.80 33.21
CA LEU A 316 -17.57 -21.71 32.46
C LEU A 316 -16.43 -21.17 33.32
N ILE A 317 -16.73 -20.23 34.22
CA ILE A 317 -15.71 -19.72 35.12
C ILE A 317 -15.20 -20.82 36.03
N ASP A 318 -16.10 -21.66 36.55
CA ASP A 318 -15.69 -22.78 37.38
C ASP A 318 -14.79 -23.74 36.63
N ALA A 319 -14.93 -23.80 35.31
CA ALA A 319 -14.13 -24.70 34.49
C ALA A 319 -12.70 -24.20 34.30
N GLY A 320 -12.42 -22.94 34.61
CA GLY A 320 -11.10 -22.37 34.46
C GLY A 320 -10.95 -21.34 33.36
N VAL A 321 -12.06 -20.87 32.78
CA VAL A 321 -11.98 -19.91 31.69
C VAL A 321 -11.21 -18.66 32.13
N ASP A 322 -10.51 -18.06 31.17
CA ASP A 322 -9.76 -16.83 31.41
C ASP A 322 -10.46 -15.59 30.86
N ALA A 323 -11.49 -15.75 30.03
CA ALA A 323 -12.28 -14.63 29.54
C ALA A 323 -13.54 -15.18 28.91
N LEU A 324 -14.58 -14.32 28.85
CA LEU A 324 -15.87 -14.71 28.34
C LEU A 324 -16.23 -13.94 27.09
N ARG A 325 -16.93 -14.61 26.19
CA ARG A 325 -17.42 -14.03 24.94
C ARG A 325 -18.94 -13.95 25.03
N VAL A 326 -19.48 -12.74 24.85
CA VAL A 326 -20.89 -12.47 25.09
C VAL A 326 -21.54 -12.03 23.78
N GLY A 327 -22.61 -12.73 23.40
CA GLY A 327 -23.38 -12.37 22.22
C GLY A 327 -24.30 -13.48 21.77
N MET A 328 -25.55 -13.16 21.49
CA MET A 328 -26.48 -14.14 20.91
C MET A 328 -27.78 -13.47 20.49
N GLU A 338 -35.92 -16.41 13.33
CA GLU A 338 -34.60 -16.96 13.09
C GLU A 338 -34.66 -18.47 13.08
N VAL A 339 -33.54 -19.11 12.77
CA VAL A 339 -33.48 -20.57 12.74
C VAL A 339 -33.76 -21.23 14.10
N LEU A 340 -33.19 -20.70 15.17
CA LEU A 340 -33.42 -21.25 16.51
C LEU A 340 -33.88 -20.14 17.42
N ALA A 341 -34.75 -20.45 18.36
CA ALA A 341 -35.27 -19.43 19.27
C ALA A 341 -34.43 -19.38 20.53
N CYS A 342 -33.48 -18.42 20.58
CA CYS A 342 -32.60 -18.19 21.73
C CYS A 342 -31.81 -16.93 21.44
N GLY A 343 -31.24 -16.34 22.47
CA GLY A 343 -30.44 -15.14 22.29
C GLY A 343 -30.89 -14.04 23.24
N ARG A 344 -30.18 -12.91 23.16
CA ARG A 344 -30.49 -11.81 24.05
C ARG A 344 -29.94 -10.52 23.45
N PRO A 345 -30.64 -9.39 23.64
CA PRO A 345 -30.09 -8.10 23.22
C PRO A 345 -28.72 -7.83 23.82
N GLN A 346 -27.82 -7.30 23.00
CA GLN A 346 -26.41 -7.26 23.36
C GLN A 346 -26.16 -6.39 24.58
N ALA A 347 -26.76 -5.20 24.62
CA ALA A 347 -26.48 -4.26 25.70
C ALA A 347 -26.80 -4.88 27.06
N THR A 348 -27.97 -5.50 27.18
CA THR A 348 -28.34 -6.17 28.43
C THR A 348 -27.39 -7.34 28.71
N ALA A 349 -27.14 -8.16 27.69
CA ALA A 349 -26.29 -9.34 27.90
C ALA A 349 -24.91 -8.95 28.38
N VAL A 350 -24.30 -7.93 27.78
CA VAL A 350 -22.97 -7.49 28.20
C VAL A 350 -22.99 -7.08 29.67
N TYR A 351 -23.96 -6.26 30.05
CA TYR A 351 -24.01 -5.77 31.43
C TYR A 351 -24.22 -6.91 32.41
N LYS A 352 -25.18 -7.79 32.12
CA LYS A 352 -25.48 -8.89 33.03
C LYS A 352 -24.26 -9.77 33.26
N VAL A 353 -23.70 -10.28 32.17
CA VAL A 353 -22.51 -11.11 32.26
C VAL A 353 -21.29 -10.39 32.81
N SER A 354 -21.05 -9.15 32.35
CA SER A 354 -19.91 -8.39 32.83
C SER A 354 -19.96 -8.12 34.33
N GLU A 355 -21.11 -7.74 34.86
CA GLU A 355 -21.20 -7.49 36.28
C GLU A 355 -20.86 -8.74 37.08
N TYR A 356 -21.40 -9.89 36.71
CA TYR A 356 -21.07 -11.14 37.39
C TYR A 356 -19.64 -11.63 37.16
N ALA A 357 -19.13 -11.53 35.94
CA ALA A 357 -17.80 -12.04 35.63
C ALA A 357 -16.71 -11.23 36.34
N ARG A 358 -16.93 -9.93 36.55
CA ARG A 358 -15.90 -9.11 37.16
C ARG A 358 -15.58 -9.57 38.58
N ARG A 359 -16.56 -10.15 39.28
CA ARG A 359 -16.33 -10.61 40.64
C ARG A 359 -15.27 -11.69 40.71
N PHE A 360 -14.99 -12.36 39.59
CA PHE A 360 -13.97 -13.40 39.51
C PHE A 360 -12.74 -12.95 38.72
N GLY A 361 -12.68 -11.67 38.34
CA GLY A 361 -11.55 -11.21 37.56
C GLY A 361 -11.50 -11.78 36.16
N VAL A 362 -12.66 -12.05 35.57
CA VAL A 362 -12.77 -12.64 34.24
C VAL A 362 -13.22 -11.54 33.28
N PRO A 363 -12.38 -11.08 32.35
CA PRO A 363 -12.83 -10.08 31.39
C PRO A 363 -13.91 -10.62 30.47
N VAL A 364 -14.66 -9.68 29.88
CA VAL A 364 -15.74 -10.00 28.95
C VAL A 364 -15.40 -9.38 27.60
N ILE A 365 -15.60 -10.16 26.53
CA ILE A 365 -15.42 -9.68 25.17
C ILE A 365 -16.81 -9.52 24.56
N ALA A 366 -17.15 -8.28 24.20
CA ALA A 366 -18.43 -8.00 23.57
C ALA A 366 -18.37 -8.39 22.09
N ASP A 367 -19.21 -9.34 21.70
CA ASP A 367 -19.18 -9.90 20.35
C ASP A 367 -20.55 -9.71 19.71
N GLY A 368 -20.59 -9.01 18.59
CA GLY A 368 -21.79 -8.88 17.80
C GLY A 368 -22.57 -7.61 18.11
N GLY A 369 -23.24 -7.09 17.08
CA GLY A 369 -24.07 -5.91 17.25
C GLY A 369 -23.31 -4.60 17.31
N ILE A 370 -22.18 -4.49 16.61
CA ILE A 370 -21.37 -3.28 16.61
C ILE A 370 -21.29 -2.79 15.17
N GLN A 371 -21.97 -1.67 14.90
CA GLN A 371 -21.98 -1.08 13.57
C GLN A 371 -21.19 0.21 13.47
N ASN A 372 -20.86 0.86 14.59
CA ASN A 372 -20.17 2.14 14.56
C ASN A 372 -19.39 2.29 15.87
N VAL A 373 -18.65 3.40 15.97
CA VAL A 373 -17.85 3.67 17.15
C VAL A 373 -18.73 3.76 18.39
N GLY A 374 -19.89 4.40 18.27
CA GLY A 374 -20.75 4.58 19.42
C GLY A 374 -21.07 3.27 20.13
N HIS A 375 -21.41 2.25 19.36
CA HIS A 375 -21.69 0.94 19.96
C HIS A 375 -20.47 0.36 20.65
N ILE A 376 -19.28 0.62 20.12
CA ILE A 376 -18.06 0.15 20.77
C ILE A 376 -17.94 0.78 22.15
N ALA A 377 -18.03 2.11 22.22
CA ALA A 377 -17.91 2.80 23.49
C ALA A 377 -18.98 2.34 24.48
N LYS A 378 -20.22 2.20 24.01
CA LYS A 378 -21.30 1.74 24.89
C LYS A 378 -20.99 0.37 25.46
N ALA A 379 -20.55 -0.56 24.59
CA ALA A 379 -20.22 -1.90 25.07
C ALA A 379 -19.14 -1.85 26.14
N LEU A 380 -18.12 -1.02 25.95
CA LEU A 380 -17.07 -0.88 26.95
C LEU A 380 -17.63 -0.25 28.23
N ALA A 381 -18.50 0.75 28.08
CA ALA A 381 -19.06 1.43 29.26
C ALA A 381 -19.92 0.48 30.10
N LEU A 382 -20.57 -0.48 29.46
CA LEU A 382 -21.46 -1.39 30.19
C LEU A 382 -20.72 -2.50 30.91
N GLY A 383 -19.40 -2.61 30.74
CA GLY A 383 -18.63 -3.59 31.50
C GLY A 383 -17.72 -4.45 30.65
N ALA A 384 -17.87 -4.39 29.34
CA ALA A 384 -17.02 -5.18 28.45
C ALA A 384 -15.59 -4.68 28.53
N SER A 385 -14.64 -5.61 28.68
CA SER A 385 -13.23 -5.23 28.69
C SER A 385 -12.72 -4.96 27.28
N THR A 386 -13.13 -5.78 26.32
CA THR A 386 -12.80 -5.57 24.92
C THR A 386 -14.05 -5.86 24.08
N VAL A 387 -14.04 -5.39 22.84
CA VAL A 387 -15.14 -5.61 21.91
C VAL A 387 -14.58 -6.28 20.66
N MET A 388 -15.34 -7.24 20.13
CA MET A 388 -14.95 -8.01 18.96
C MET A 388 -15.74 -7.52 17.76
N MET A 389 -15.04 -7.28 16.65
CA MET A 389 -15.65 -6.77 15.43
C MET A 389 -15.47 -7.76 14.31
N GLY A 390 -16.55 -7.98 13.55
CA GLY A 390 -16.51 -8.87 12.40
C GLY A 390 -16.93 -8.16 11.13
N SER A 391 -18.24 -7.90 11.01
CA SER A 391 -18.76 -7.25 9.82
C SER A 391 -18.08 -5.90 9.59
N LEU A 392 -17.77 -5.18 10.67
CA LEU A 392 -17.19 -3.86 10.53
C LEU A 392 -15.82 -3.90 9.87
N LEU A 393 -15.08 -4.97 10.11
CA LEU A 393 -13.74 -5.13 9.52
C LEU A 393 -13.60 -5.77 8.11
N ALA A 394 -14.67 -6.29 7.49
CA ALA A 394 -14.56 -6.92 6.17
C ALA A 394 -14.07 -6.02 5.04
N ALA A 395 -14.49 -4.76 5.01
CA ALA A 395 -14.07 -3.82 3.97
C ALA A 395 -12.55 -3.56 3.91
N THR A 396 -11.85 -3.55 5.03
CA THR A 396 -10.42 -3.26 5.05
C THR A 396 -9.60 -4.23 4.19
N THR A 397 -8.49 -3.73 3.64
CA THR A 397 -7.63 -4.51 2.77
C THR A 397 -7.07 -5.76 3.43
N GLU A 398 -6.72 -5.66 4.70
CA GLU A 398 -6.16 -6.81 5.42
C GLU A 398 -7.13 -7.98 5.47
N ALA A 399 -8.40 -7.78 5.16
CA ALA A 399 -9.36 -8.87 5.23
C ALA A 399 -9.07 -9.88 4.14
N PRO A 400 -9.36 -11.16 4.37
CA PRO A 400 -9.09 -12.18 3.35
C PRO A 400 -9.90 -11.92 2.08
N GLY A 401 -9.43 -12.52 0.99
CA GLY A 401 -10.06 -12.35 -0.30
C GLY A 401 -9.23 -11.50 -1.23
N GLU A 402 -8.97 -12.00 -2.43
CA GLU A 402 -8.18 -11.30 -3.43
C GLU A 402 -9.12 -10.57 -4.39
N TYR A 403 -8.71 -9.37 -4.80
CA TYR A 403 -9.53 -8.56 -5.68
C TYR A 403 -9.49 -9.07 -7.11
N PHE A 404 -10.65 -9.09 -7.75
CA PHE A 404 -10.79 -9.50 -9.14
C PHE A 404 -11.35 -8.34 -9.95
N PHE A 405 -11.23 -8.45 -11.27
CA PHE A 405 -11.59 -7.35 -12.15
C PHE A 405 -12.70 -7.77 -13.11
N SER A 406 -13.47 -6.76 -13.55
CA SER A 406 -14.55 -6.95 -14.49
C SER A 406 -14.98 -5.61 -15.07
N LYS A 453 -13.04 -0.40 3.03
CA LYS A 453 -12.97 0.51 4.18
C LYS A 453 -11.56 1.09 4.34
N GLY A 454 -10.62 0.56 3.57
CA GLY A 454 -9.23 1.01 3.64
C GLY A 454 -8.38 0.09 4.47
N SER A 455 -7.16 0.54 4.72
CA SER A 455 -6.26 -0.19 5.60
C SER A 455 -6.64 0.04 7.05
N ILE A 456 -6.40 -0.98 7.87
CA ILE A 456 -6.77 -0.88 9.28
C ILE A 456 -5.76 -0.05 10.06
N HIS A 457 -4.54 0.14 9.54
CA HIS A 457 -3.59 1.04 10.16
C HIS A 457 -4.14 2.46 10.21
N LYS A 458 -4.99 2.83 9.26
CA LYS A 458 -5.72 4.09 9.33
C LYS A 458 -7.06 3.95 10.03
N PHE A 459 -7.74 2.81 9.87
CA PHE A 459 -9.08 2.67 10.42
C PHE A 459 -9.06 2.54 11.94
N VAL A 460 -8.16 1.72 12.48
CA VAL A 460 -8.12 1.51 13.93
C VAL A 460 -7.82 2.82 14.67
N PRO A 461 -6.76 3.56 14.36
CA PRO A 461 -6.59 4.87 14.99
C PRO A 461 -7.83 5.75 14.95
N TYR A 462 -8.60 5.67 13.86
CA TYR A 462 -9.86 6.40 13.80
C TYR A 462 -10.81 5.92 14.89
N LEU A 463 -10.92 4.59 15.07
CA LEU A 463 -11.74 4.06 16.15
C LEU A 463 -11.20 4.48 17.51
N ILE A 464 -9.88 4.45 17.67
CA ILE A 464 -9.27 4.86 18.93
C ILE A 464 -9.67 6.29 19.27
N ALA A 465 -9.53 7.19 18.30
CA ALA A 465 -9.89 8.59 18.53
C ALA A 465 -11.36 8.72 18.93
N GLY A 466 -12.24 7.95 18.31
CA GLY A 466 -13.65 8.01 18.65
C GLY A 466 -13.91 7.60 20.09
N ILE A 467 -13.29 6.50 20.53
CA ILE A 467 -13.46 6.05 21.90
C ILE A 467 -12.93 7.10 22.87
N GLN A 468 -11.76 7.67 22.56
CA GLN A 468 -11.17 8.68 23.44
C GLN A 468 -12.09 9.89 23.56
N HIS A 469 -12.64 10.35 22.44
CA HIS A 469 -13.58 11.47 22.50
C HIS A 469 -14.81 11.10 23.32
N SER A 470 -15.34 9.90 23.12
CA SER A 470 -16.48 9.46 23.91
C SER A 470 -16.16 9.46 25.39
N CYS A 471 -14.98 8.98 25.77
CA CYS A 471 -14.57 9.04 27.17
C CYS A 471 -14.47 10.48 27.66
N GLN A 472 -13.88 11.36 26.85
CA GLN A 472 -13.77 12.76 27.25
C GLN A 472 -15.15 13.35 27.54
N ASP A 473 -16.10 13.16 26.63
CA ASP A 473 -17.45 13.68 26.86
C ASP A 473 -18.00 13.23 28.21
N ILE A 474 -17.74 11.97 28.58
CA ILE A 474 -18.16 11.48 29.88
C ILE A 474 -17.38 12.18 31.00
N GLY A 475 -16.16 12.62 30.71
CA GLY A 475 -15.29 13.16 31.73
C GLY A 475 -14.43 12.13 32.41
N ALA A 476 -14.08 11.05 31.72
CA ALA A 476 -13.27 9.97 32.28
C ALA A 476 -11.97 9.86 31.48
N LYS A 477 -10.85 9.74 32.18
CA LYS A 477 -9.54 9.67 31.54
C LYS A 477 -9.11 8.26 31.18
N SER A 478 -9.93 7.25 31.43
CA SER A 478 -9.57 5.89 31.05
C SER A 478 -10.82 5.02 31.04
N LEU A 479 -10.71 3.89 30.33
CA LEU A 479 -11.81 2.93 30.29
C LEU A 479 -12.06 2.33 31.66
N THR A 480 -11.00 2.11 32.45
CA THR A 480 -11.19 1.62 33.81
C THR A 480 -12.04 2.58 34.61
N GLN A 481 -11.81 3.89 34.46
CA GLN A 481 -12.59 4.88 35.18
C GLN A 481 -14.04 4.86 34.75
N VAL A 482 -14.29 4.70 33.44
CA VAL A 482 -15.67 4.69 32.94
C VAL A 482 -16.44 3.54 33.60
N ARG A 483 -15.89 2.33 33.54
CA ARG A 483 -16.55 1.19 34.18
C ARG A 483 -16.73 1.43 35.67
N ALA A 484 -15.74 2.07 36.30
CA ALA A 484 -15.86 2.39 37.72
C ALA A 484 -17.00 3.38 37.95
N MET A 485 -17.11 4.36 37.06
CA MET A 485 -18.18 5.33 37.17
C MET A 485 -19.56 4.70 36.98
N MET A 486 -19.74 3.81 36.01
CA MET A 486 -21.04 3.16 35.83
C MET A 486 -21.46 2.24 36.99
N TYR A 487 -20.53 1.45 37.53
CA TYR A 487 -20.86 0.57 38.63
C TYR A 487 -21.24 1.34 39.88
N SER A 488 -20.54 2.44 40.13
CA SER A 488 -20.80 3.24 41.32
C SER A 488 -22.07 4.08 41.18
N GLY A 489 -22.59 4.23 39.97
CA GLY A 489 -23.76 5.04 39.73
C GLY A 489 -23.48 6.47 39.33
N GLU A 490 -22.22 6.90 39.36
CA GLU A 490 -21.90 8.25 38.94
C GLU A 490 -22.27 8.48 37.48
N LEU A 491 -22.01 7.50 36.63
CA LEU A 491 -22.34 7.60 35.22
C LEU A 491 -23.84 7.36 35.02
N LYS A 492 -24.48 8.26 34.30
CA LYS A 492 -25.94 8.26 34.14
C LYS A 492 -26.34 7.96 32.70
N PHE A 493 -27.48 7.31 32.55
CA PHE A 493 -28.03 6.92 31.26
C PHE A 493 -29.41 7.51 31.07
N GLU A 494 -29.89 7.45 29.83
CA GLU A 494 -31.26 7.84 29.50
C GLU A 494 -31.76 6.94 28.39
N LYS A 495 -32.99 6.45 28.54
CA LYS A 495 -33.59 5.53 27.59
C LYS A 495 -34.18 6.29 26.40
N ARG A 496 -34.12 5.65 25.23
CA ARG A 496 -34.60 6.24 23.99
C ARG A 496 -35.94 5.63 23.59
N THR A 497 -36.68 6.38 22.78
CA THR A 497 -37.93 5.92 22.18
C THR A 497 -37.73 5.73 20.69
N SER A 498 -38.75 5.15 20.05
CA SER A 498 -38.67 4.92 18.60
C SER A 498 -38.45 6.22 17.84
N SER A 499 -39.15 7.29 18.25
CA SER A 499 -39.03 8.57 17.57
C SER A 499 -37.66 9.20 17.77
N ALA A 500 -36.99 8.91 18.89
CA ALA A 500 -35.69 9.50 19.16
C ALA A 500 -34.56 8.76 18.47
N GLN A 501 -34.85 7.63 17.84
CA GLN A 501 -33.86 6.92 17.02
C GLN A 501 -34.08 7.35 15.58
N VAL A 502 -33.30 8.32 15.13
CA VAL A 502 -33.43 8.85 13.77
C VAL A 502 -32.38 9.93 13.54
N SER B 14 -9.60 -19.18 -51.75
CA SER B 14 -10.16 -18.50 -52.91
C SER B 14 -11.66 -18.78 -53.03
N TYR B 15 -12.10 -19.90 -52.46
CA TYR B 15 -13.50 -20.29 -52.50
C TYR B 15 -14.26 -19.86 -51.25
N VAL B 16 -13.60 -19.19 -50.31
CA VAL B 16 -14.26 -18.66 -49.12
C VAL B 16 -14.97 -17.37 -49.49
N PRO B 17 -16.25 -17.19 -49.14
CA PRO B 17 -16.93 -15.94 -49.49
C PRO B 17 -16.39 -14.75 -48.70
N ASP B 18 -16.26 -13.62 -49.40
CA ASP B 18 -15.83 -12.39 -48.76
C ASP B 18 -16.83 -11.98 -47.68
N ASP B 19 -16.31 -11.50 -46.55
CA ASP B 19 -17.14 -11.18 -45.41
C ASP B 19 -16.64 -9.92 -44.73
N GLY B 20 -17.56 -9.15 -44.17
CA GLY B 20 -17.23 -7.98 -43.39
C GLY B 20 -16.95 -6.75 -44.24
N LEU B 21 -16.77 -5.63 -43.56
CA LEU B 21 -16.51 -4.34 -44.18
C LEU B 21 -15.14 -3.83 -43.76
N THR B 22 -14.50 -3.08 -44.66
CA THR B 22 -13.28 -2.38 -44.31
C THR B 22 -13.62 -1.09 -43.57
N ALA B 23 -12.65 -0.61 -42.78
CA ALA B 23 -12.86 0.61 -42.02
C ALA B 23 -13.31 1.75 -42.93
N GLN B 24 -12.71 1.85 -44.12
CA GLN B 24 -13.08 2.92 -45.04
C GLN B 24 -14.56 2.84 -45.42
N GLN B 25 -15.03 1.63 -45.74
CA GLN B 25 -16.44 1.47 -46.09
C GLN B 25 -17.36 1.83 -44.94
N LEU B 26 -16.95 1.51 -43.70
CA LEU B 26 -17.84 1.68 -42.56
C LEU B 26 -17.91 3.13 -42.12
N PHE B 27 -16.76 3.78 -41.97
CA PHE B 27 -16.70 5.10 -41.34
C PHE B 27 -16.71 6.25 -42.34
N ASN B 28 -16.13 6.07 -43.53
CA ASN B 28 -16.04 7.18 -44.47
C ASN B 28 -17.40 7.66 -44.95
N CYS B 29 -18.44 6.83 -44.81
CA CYS B 29 -19.77 7.21 -45.26
C CYS B 29 -20.80 6.75 -44.23
N GLY B 30 -21.98 7.35 -44.30
CA GLY B 30 -23.07 7.00 -43.42
C GLY B 30 -23.20 7.90 -42.21
N ASP B 31 -23.70 7.35 -41.11
CA ASP B 31 -23.94 8.11 -39.90
C ASP B 31 -22.70 8.17 -39.03
N GLY B 32 -22.72 9.06 -38.05
CA GLY B 32 -21.66 9.11 -37.06
C GLY B 32 -21.74 7.91 -36.14
N LEU B 33 -20.62 7.23 -35.95
CA LEU B 33 -20.56 5.96 -35.24
C LEU B 33 -19.76 6.10 -33.96
N THR B 34 -20.15 5.31 -32.96
CA THR B 34 -19.44 5.24 -31.70
C THR B 34 -18.87 3.84 -31.52
N TYR B 35 -18.01 3.69 -30.51
CA TYR B 35 -17.35 2.41 -30.30
C TYR B 35 -18.35 1.27 -30.15
N ASN B 36 -19.53 1.53 -29.60
CA ASN B 36 -20.52 0.49 -29.42
C ASN B 36 -21.28 0.13 -30.68
N ASP B 37 -21.14 0.90 -31.76
CA ASP B 37 -21.93 0.70 -32.97
C ASP B 37 -21.35 -0.35 -33.91
N PHE B 38 -20.21 -0.94 -33.57
CA PHE B 38 -19.57 -1.90 -34.45
C PHE B 38 -18.72 -2.86 -33.64
N LEU B 39 -18.25 -3.92 -34.30
CA LEU B 39 -17.28 -4.82 -33.71
C LEU B 39 -16.35 -5.32 -34.82
N ILE B 40 -15.26 -5.96 -34.40
CA ILE B 40 -14.20 -6.39 -35.30
C ILE B 40 -14.23 -7.90 -35.41
N LEU B 41 -14.06 -8.41 -36.63
CA LEU B 41 -14.17 -9.84 -36.81
C LEU B 41 -12.85 -10.54 -36.46
N PRO B 42 -12.92 -11.76 -35.94
CA PRO B 42 -11.69 -12.46 -35.53
C PRO B 42 -10.88 -12.94 -36.73
N GLY B 43 -9.61 -13.21 -36.47
CA GLY B 43 -8.71 -13.71 -37.49
C GLY B 43 -8.09 -15.04 -37.15
N TYR B 44 -6.82 -15.22 -37.50
CA TYR B 44 -6.09 -16.45 -37.24
C TYR B 44 -5.03 -16.22 -36.16
N ILE B 45 -4.92 -17.18 -35.24
CA ILE B 45 -4.06 -17.07 -34.08
C ILE B 45 -2.94 -18.08 -34.20
N ASP B 46 -1.69 -17.61 -34.21
CA ASP B 46 -0.52 -18.49 -34.21
C ASP B 46 0.52 -17.96 -33.23
N PHE B 47 0.07 -17.40 -32.12
CA PHE B 47 0.97 -16.84 -31.12
C PHE B 47 0.18 -16.60 -29.83
N THR B 48 0.89 -16.46 -28.72
CA THR B 48 0.28 -16.18 -27.44
C THR B 48 0.05 -14.69 -27.20
N ALA B 49 -0.84 -14.35 -26.28
CA ALA B 49 -1.15 -12.97 -25.94
C ALA B 49 0.03 -12.18 -25.40
N ASP B 50 0.86 -12.77 -24.55
CA ASP B 50 2.04 -12.05 -24.04
C ASP B 50 3.01 -11.59 -25.13
N GLN B 51 3.15 -12.32 -26.23
CA GLN B 51 3.99 -11.90 -27.34
C GLN B 51 3.57 -10.56 -28.03
N VAL B 52 2.33 -10.11 -27.93
CA VAL B 52 1.95 -8.84 -28.56
C VAL B 52 2.66 -7.61 -28.00
N ASP B 53 3.11 -6.74 -28.90
CA ASP B 53 3.83 -5.52 -28.56
C ASP B 53 2.90 -4.33 -28.68
N LEU B 54 2.84 -3.52 -27.62
CA LEU B 54 1.94 -2.38 -27.56
C LEU B 54 2.67 -1.04 -27.65
N THR B 55 3.92 -1.05 -28.10
CA THR B 55 4.65 0.21 -28.26
C THR B 55 3.86 1.15 -29.16
N SER B 56 3.68 2.38 -28.70
CA SER B 56 2.91 3.38 -29.43
C SER B 56 3.56 4.74 -29.27
N ALA B 57 3.30 5.62 -30.23
CA ALA B 57 3.88 6.95 -30.25
C ALA B 57 2.93 7.93 -29.58
N LEU B 58 3.41 8.60 -28.52
CA LEU B 58 2.65 9.70 -27.93
C LEU B 58 2.73 10.95 -28.80
N THR B 59 3.95 11.35 -29.16
CA THR B 59 4.14 12.51 -30.03
C THR B 59 5.16 12.17 -31.12
N LYS B 60 5.59 13.19 -31.85
CA LYS B 60 6.55 12.96 -32.93
C LYS B 60 7.86 12.40 -32.41
N LYS B 61 8.27 12.79 -31.20
CA LYS B 61 9.54 12.38 -30.63
C LYS B 61 9.42 11.52 -29.38
N ILE B 62 8.25 11.43 -28.76
CA ILE B 62 8.06 10.63 -27.55
C ILE B 62 7.38 9.33 -27.93
N THR B 63 7.89 8.22 -27.38
CA THR B 63 7.33 6.90 -27.61
C THR B 63 7.16 6.19 -26.27
N LEU B 64 6.00 5.59 -26.07
CA LEU B 64 5.68 4.88 -24.84
C LEU B 64 5.55 3.39 -25.13
N LYS B 65 5.83 2.59 -24.11
CA LYS B 65 5.67 1.14 -24.21
C LYS B 65 4.22 0.69 -24.01
N THR B 66 3.34 1.59 -23.56
CA THR B 66 1.92 1.29 -23.45
C THR B 66 1.14 2.51 -23.94
N PRO B 67 0.03 2.31 -24.67
CA PRO B 67 -0.67 3.44 -25.27
C PRO B 67 -1.61 4.17 -24.32
N LEU B 68 -1.47 3.95 -23.02
CA LEU B 68 -2.40 4.49 -22.05
C LEU B 68 -1.95 5.84 -21.52
N VAL B 69 -2.92 6.74 -21.32
CA VAL B 69 -2.67 8.10 -20.89
C VAL B 69 -3.78 8.52 -19.92
N SER B 70 -3.41 9.21 -18.84
CA SER B 70 -4.36 9.71 -17.87
C SER B 70 -4.71 11.15 -18.20
N SER B 71 -6.01 11.46 -18.20
CA SER B 71 -6.49 12.77 -18.62
C SER B 71 -6.04 13.84 -17.62
N PRO B 72 -5.84 15.09 -18.10
CA PRO B 72 -5.45 16.18 -17.18
C PRO B 72 -6.65 16.80 -16.46
N MET B 73 -7.19 16.04 -15.51
CA MET B 73 -8.34 16.45 -14.71
C MET B 73 -7.94 16.58 -13.25
N ASP B 74 -8.54 17.56 -12.56
CA ASP B 74 -8.27 17.73 -11.14
C ASP B 74 -8.69 16.49 -10.35
N THR B 75 -9.62 15.70 -10.87
CA THR B 75 -10.07 14.48 -10.22
C THR B 75 -9.23 13.25 -10.58
N VAL B 76 -8.37 13.34 -11.59
CA VAL B 76 -7.68 12.17 -12.15
C VAL B 76 -6.18 12.23 -11.90
N THR B 77 -5.49 13.23 -12.46
CA THR B 77 -4.04 13.18 -12.59
C THR B 77 -3.37 14.28 -11.78
N GLU B 78 -2.54 13.86 -10.82
CA GLU B 78 -1.57 14.75 -10.19
C GLU B 78 -0.25 13.98 -10.10
N ALA B 79 0.68 14.46 -9.28
CA ALA B 79 2.00 13.85 -9.22
C ALA B 79 1.91 12.36 -8.92
N GLY B 80 1.03 11.97 -8.00
CA GLY B 80 0.91 10.56 -7.67
C GLY B 80 0.48 9.73 -8.87
N MET B 81 -0.50 10.24 -9.63
CA MET B 81 -0.95 9.55 -10.83
C MET B 81 0.15 9.51 -11.88
N ALA B 82 0.74 10.67 -12.19
CA ALA B 82 1.72 10.75 -13.27
C ALA B 82 2.89 9.81 -13.03
N ILE B 83 3.36 9.74 -11.79
CA ILE B 83 4.45 8.80 -11.46
C ILE B 83 4.03 7.38 -11.79
N ALA B 84 2.86 6.96 -11.30
CA ALA B 84 2.44 5.58 -11.47
C ALA B 84 2.22 5.25 -12.94
N MET B 85 1.59 6.15 -13.69
CA MET B 85 1.40 5.91 -15.13
C MET B 85 2.73 5.75 -15.83
N ALA B 86 3.69 6.63 -15.51
CA ALA B 86 5.00 6.54 -16.14
C ALA B 86 5.66 5.20 -15.82
N LEU B 87 5.55 4.75 -14.57
CA LEU B 87 6.20 3.50 -14.17
C LEU B 87 5.60 2.30 -14.87
N THR B 88 4.29 2.34 -15.16
CA THR B 88 3.61 1.21 -15.79
C THR B 88 3.71 1.22 -17.31
N GLY B 89 4.41 2.20 -17.90
CA GLY B 89 4.63 2.25 -19.32
C GLY B 89 3.88 3.37 -20.04
N GLY B 90 3.04 4.11 -19.33
CA GLY B 90 2.28 5.20 -19.92
C GLY B 90 2.85 6.56 -19.58
N ILE B 91 1.96 7.56 -19.53
CA ILE B 91 2.34 8.91 -19.14
C ILE B 91 1.13 9.58 -18.51
N GLY B 92 1.37 10.62 -17.73
CA GLY B 92 0.30 11.38 -17.13
C GLY B 92 0.43 12.85 -17.43
N PHE B 93 -0.72 13.50 -17.56
CA PHE B 93 -0.79 14.94 -17.84
C PHE B 93 -1.39 15.64 -16.64
N ILE B 94 -0.62 16.51 -16.02
CA ILE B 94 -1.04 17.20 -14.80
C ILE B 94 -2.01 18.31 -15.17
N HIS B 95 -3.12 18.39 -14.43
CA HIS B 95 -4.14 19.38 -14.72
C HIS B 95 -3.63 20.78 -14.41
N HIS B 96 -4.25 21.77 -15.05
CA HIS B 96 -3.88 23.17 -14.88
C HIS B 96 -4.94 23.95 -14.09
N ASN B 97 -5.86 23.25 -13.42
CA ASN B 97 -6.83 23.91 -12.54
C ASN B 97 -6.18 24.10 -11.16
N CYS B 98 -5.15 24.94 -11.14
CA CYS B 98 -4.37 25.20 -9.95
C CYS B 98 -3.39 26.32 -10.26
N THR B 99 -2.67 26.77 -9.24
CA THR B 99 -1.71 27.84 -9.43
C THR B 99 -0.52 27.33 -10.25
N PRO B 100 0.06 28.16 -11.12
CA PRO B 100 1.22 27.71 -11.88
C PRO B 100 2.32 27.11 -11.02
N GLU B 101 2.59 27.73 -9.86
CA GLU B 101 3.67 27.25 -9.00
C GLU B 101 3.37 25.84 -8.48
N PHE B 102 2.11 25.60 -8.10
CA PHE B 102 1.70 24.27 -7.66
C PHE B 102 1.89 23.25 -8.78
N GLN B 103 1.47 23.59 -9.99
CA GLN B 103 1.58 22.67 -11.12
C GLN B 103 3.04 22.36 -11.42
N ALA B 104 3.88 23.39 -11.44
CA ALA B 104 5.31 23.16 -11.69
C ALA B 104 5.90 22.26 -10.63
N ASN B 105 5.45 22.40 -9.38
CA ASN B 105 5.95 21.54 -8.31
C ASN B 105 5.53 20.09 -8.55
N GLU B 106 4.29 19.86 -8.97
CA GLU B 106 3.85 18.51 -9.27
C GLU B 106 4.69 17.89 -10.38
N VAL B 107 5.04 18.68 -11.39
CA VAL B 107 5.94 18.18 -12.44
C VAL B 107 7.28 17.81 -11.82
N ARG B 108 7.83 18.68 -10.97
CA ARG B 108 9.11 18.42 -10.35
C ARG B 108 9.09 17.11 -9.57
N LYS B 109 7.97 16.84 -8.88
CA LYS B 109 7.85 15.62 -8.10
C LYS B 109 7.91 14.39 -9.01
N VAL B 110 7.28 14.46 -10.18
CA VAL B 110 7.32 13.34 -11.11
C VAL B 110 8.75 13.12 -11.62
N LYS B 111 9.42 14.21 -12.01
CA LYS B 111 10.75 14.07 -12.59
C LYS B 111 11.77 13.62 -11.55
N LYS B 112 11.62 14.03 -10.30
CA LYS B 112 12.58 13.66 -9.27
C LYS B 112 12.33 12.30 -8.65
N TYR B 113 11.19 11.66 -8.93
CA TYR B 113 10.89 10.37 -8.32
C TYR B 113 12.00 9.37 -8.61
N GLU B 114 12.20 9.03 -9.88
CA GLU B 114 13.26 8.12 -10.25
C GLU B 114 14.35 8.96 -10.93
N GLN B 115 15.60 8.77 -10.55
CA GLN B 115 16.68 9.55 -11.13
C GLN B 115 17.88 8.68 -11.47
N GLY B 116 18.70 9.12 -12.41
CA GLY B 116 19.88 8.38 -12.78
C GLY B 116 21.09 9.05 -12.17
N PHE B 117 21.59 10.11 -12.80
CA PHE B 117 22.72 10.82 -12.25
C PHE B 117 22.06 11.94 -11.50
N ILE B 118 22.25 12.04 -10.20
CA ILE B 118 21.58 13.09 -9.47
C ILE B 118 22.38 14.38 -9.40
N THR B 119 22.16 15.25 -10.36
CA THR B 119 22.73 16.57 -10.35
C THR B 119 21.87 17.38 -9.37
N ASP B 120 22.46 18.36 -8.70
CA ASP B 120 21.73 19.21 -7.76
C ASP B 120 20.95 18.49 -6.65
N PRO B 121 21.60 17.55 -5.96
CA PRO B 121 21.03 16.83 -4.82
C PRO B 121 21.03 17.69 -3.56
N VAL B 122 20.34 17.20 -2.54
CA VAL B 122 20.37 17.84 -1.24
C VAL B 122 21.76 17.67 -0.62
N VAL B 123 22.36 18.77 -0.18
CA VAL B 123 23.69 18.74 0.40
C VAL B 123 23.72 19.59 1.66
N LEU B 124 24.64 19.26 2.56
CA LEU B 124 24.79 19.96 3.83
C LEU B 124 26.27 20.14 4.13
N SER B 125 26.56 21.04 5.07
CA SER B 125 27.92 21.29 5.51
C SER B 125 28.22 20.59 6.82
N PRO B 126 29.49 20.40 7.16
CA PRO B 126 29.81 19.80 8.47
C PRO B 126 29.32 20.63 9.64
N LYS B 127 29.21 21.95 9.46
CA LYS B 127 28.71 22.82 10.52
C LYS B 127 27.23 22.60 10.78
N ASP B 128 26.48 22.11 9.80
CA ASP B 128 25.07 21.81 10.01
C ASP B 128 24.91 20.73 11.08
N ARG B 129 23.68 20.59 11.55
CA ARG B 129 23.38 19.71 12.68
C ARG B 129 22.46 18.58 12.24
N VAL B 130 22.32 17.59 13.13
CA VAL B 130 21.40 16.48 12.86
C VAL B 130 19.99 16.99 12.67
N ARG B 131 19.61 18.06 13.38
CA ARG B 131 18.29 18.65 13.21
C ARG B 131 18.05 19.04 11.75
N ASP B 132 19.08 19.55 11.08
CA ASP B 132 18.93 19.93 9.68
C ASP B 132 18.64 18.73 8.80
N VAL B 133 19.28 17.59 9.09
CA VAL B 133 19.03 16.38 8.30
C VAL B 133 17.58 15.94 8.46
N PHE B 134 17.09 15.90 9.70
CA PHE B 134 15.71 15.51 9.94
C PHE B 134 14.73 16.44 9.22
N GLU B 135 15.09 17.71 9.06
CA GLU B 135 14.23 18.63 8.33
C GLU B 135 14.12 18.26 6.86
N ALA B 136 15.19 17.70 6.29
CA ALA B 136 15.15 17.31 4.88
C ALA B 136 14.30 16.07 4.67
N LYS B 137 14.54 15.01 5.45
CA LYS B 137 13.74 13.79 5.33
C LYS B 137 12.26 14.10 5.45
N ALA B 138 11.90 15.10 6.24
CA ALA B 138 10.50 15.49 6.38
C ALA B 138 10.02 16.31 5.19
N ARG B 139 10.93 17.04 4.55
CA ARG B 139 10.58 17.88 3.40
C ARG B 139 10.60 17.12 2.09
N HIS B 140 11.61 16.27 1.88
CA HIS B 140 11.78 15.55 0.62
C HIS B 140 11.57 14.05 0.73
N GLY B 141 11.49 13.50 1.94
CA GLY B 141 11.24 12.09 2.13
C GLY B 141 12.46 11.20 2.13
N PHE B 142 13.65 11.77 1.99
CA PHE B 142 14.88 10.99 2.02
C PHE B 142 15.92 11.71 2.87
N CYS B 143 16.77 10.94 3.53
CA CYS B 143 17.79 11.48 4.43
C CYS B 143 19.20 11.09 4.02
N GLY B 144 19.39 10.60 2.80
CA GLY B 144 20.73 10.31 2.32
C GLY B 144 21.37 11.55 1.72
N ILE B 145 22.31 12.14 2.45
CA ILE B 145 22.83 13.46 2.09
C ILE B 145 24.36 13.42 2.06
N PRO B 146 25.01 13.84 0.98
CA PRO B 146 26.45 14.06 1.02
C PRO B 146 26.78 15.41 1.63
N ILE B 147 27.97 15.50 2.20
CA ILE B 147 28.41 16.66 2.97
C ILE B 147 29.63 17.26 2.28
N THR B 148 29.60 18.58 2.10
CA THR B 148 30.67 19.30 1.43
C THR B 148 31.14 20.42 2.34
N ASP B 149 32.38 20.88 2.10
CA ASP B 149 32.96 21.92 2.95
C ASP B 149 32.03 23.13 3.06
N THR B 150 31.56 23.64 1.93
CA THR B 150 30.76 24.85 1.92
C THR B 150 29.27 24.56 2.01
N GLY B 151 28.86 23.30 2.04
CA GLY B 151 27.45 22.98 2.00
C GLY B 151 26.80 23.20 0.65
N ARG B 152 27.58 23.45 -0.39
CA ARG B 152 27.08 23.64 -1.75
C ARG B 152 27.59 22.50 -2.63
N MET B 153 27.15 22.52 -3.89
CA MET B 153 27.43 21.39 -4.78
C MET B 153 28.86 21.40 -5.27
N GLY B 154 29.42 22.58 -5.56
CA GLY B 154 30.74 22.65 -6.16
C GLY B 154 31.88 22.32 -5.23
N SER B 155 31.65 22.35 -3.92
CA SER B 155 32.72 22.27 -2.94
C SER B 155 33.24 20.83 -2.82
N ARG B 156 34.30 20.69 -2.03
CA ARG B 156 34.90 19.39 -1.78
C ARG B 156 33.87 18.44 -1.15
N LEU B 157 34.09 17.15 -1.35
CA LEU B 157 33.25 16.13 -0.73
C LEU B 157 33.88 15.77 0.62
N VAL B 158 33.23 16.18 1.70
CA VAL B 158 33.77 15.92 3.03
C VAL B 158 33.34 14.55 3.53
N GLY B 159 32.06 14.22 3.40
CA GLY B 159 31.59 12.93 3.84
C GLY B 159 30.26 12.57 3.22
N ILE B 160 29.52 11.71 3.92
CA ILE B 160 28.14 11.40 3.54
C ILE B 160 27.40 10.96 4.79
N ILE B 161 26.07 11.11 4.74
CA ILE B 161 25.17 10.67 5.80
C ILE B 161 24.08 9.79 5.21
N SER B 162 23.59 8.87 6.02
CA SER B 162 22.53 7.95 5.63
C SER B 162 21.54 7.87 6.78
N SER B 163 20.47 7.10 6.57
CA SER B 163 19.48 6.90 7.63
C SER B 163 20.11 6.24 8.84
N ARG B 164 20.91 5.20 8.61
CA ARG B 164 21.46 4.42 9.71
C ARG B 164 22.38 5.26 10.59
N ASP B 165 22.99 6.30 10.03
CA ASP B 165 23.73 7.25 10.86
C ASP B 165 22.78 8.01 11.78
N ILE B 166 21.55 8.25 11.33
CA ILE B 166 20.56 9.02 12.07
C ILE B 166 19.48 8.14 12.68
N ASP B 167 19.40 6.86 12.31
CA ASP B 167 18.25 6.02 12.65
C ASP B 167 17.91 6.10 14.13
N PHE B 168 18.88 5.82 15.00
CA PHE B 168 18.68 5.76 16.47
C PHE B 168 19.66 6.69 17.19
N LEU B 169 19.34 7.98 17.20
CA LEU B 169 20.11 9.05 17.87
C LEU B 169 19.21 9.74 18.90
N LYS B 170 19.80 10.12 20.04
CA LYS B 170 19.04 10.79 21.13
C LYS B 170 18.98 12.30 20.86
N GLU B 173 20.50 15.59 21.81
CA GLU B 173 20.24 14.37 21.02
C GLU B 173 20.52 14.65 19.53
N HIS B 174 19.79 15.61 18.94
CA HIS B 174 19.88 15.99 17.51
C HIS B 174 20.61 17.32 17.32
N ASP B 175 21.40 17.77 18.29
CA ASP B 175 22.10 19.08 18.21
C ASP B 175 23.57 18.90 17.81
N CYS B 176 24.04 17.68 17.57
CA CYS B 176 25.46 17.39 17.21
C CYS B 176 25.74 17.87 15.78
N PHE B 177 26.97 18.32 15.52
CA PHE B 177 27.39 18.76 14.19
C PHE B 177 27.56 17.53 13.30
N LEU B 178 27.19 17.67 12.03
CA LEU B 178 27.26 16.53 11.13
C LEU B 178 28.69 16.00 10.99
N GLU B 179 29.66 16.75 11.46
CA GLU B 179 31.02 16.27 11.40
C GLU B 179 31.20 14.99 12.24
N GLU B 180 30.67 14.95 13.45
CA GLU B 180 30.79 13.74 14.26
C GLU B 180 30.03 12.53 13.72
N ILE B 181 28.77 12.72 13.35
CA ILE B 181 27.92 11.66 12.81
C ILE B 181 28.25 11.09 11.43
N MET B 182 28.60 11.96 10.49
CA MET B 182 28.87 11.57 9.12
C MET B 182 30.09 10.70 8.98
N THR B 183 30.09 9.87 7.95
CA THR B 183 31.26 9.05 7.69
C THR B 183 32.20 9.84 6.78
N LYS B 184 33.48 9.87 7.16
CA LYS B 184 34.43 10.76 6.51
C LYS B 184 34.68 10.33 5.06
N ARG B 185 35.32 11.21 4.32
CA ARG B 185 35.65 10.96 2.93
C ARG B 185 36.62 9.79 2.78
N GLU B 186 37.58 9.68 3.69
CA GLU B 186 38.61 8.66 3.58
C GLU B 186 38.01 7.27 3.50
N ASP B 187 37.00 6.96 4.32
CA ASP B 187 36.44 5.62 4.34
C ASP B 187 35.54 5.33 3.15
N LEU B 188 34.88 6.34 2.58
CA LEU B 188 33.89 6.07 1.55
C LEU B 188 34.56 5.83 0.20
N VAL B 189 33.77 5.27 -0.72
CA VAL B 189 34.22 4.99 -2.08
C VAL B 189 33.50 5.94 -3.04
N VAL B 190 34.26 6.47 -4.01
CA VAL B 190 33.75 7.44 -4.97
C VAL B 190 34.16 6.99 -6.37
N ALA B 191 33.52 7.61 -7.36
CA ALA B 191 33.84 7.35 -8.76
C ALA B 191 34.19 8.65 -9.47
N PRO B 192 35.06 8.61 -10.47
CA PRO B 192 35.46 9.85 -11.15
C PRO B 192 34.35 10.40 -12.04
N ALA B 193 34.46 11.70 -12.31
CA ALA B 193 33.49 12.36 -13.16
C ALA B 193 33.70 11.98 -14.62
N GLY B 194 32.65 12.16 -15.42
CA GLY B 194 32.72 11.85 -16.84
C GLY B 194 32.47 10.39 -17.17
N ILE B 195 32.20 9.57 -16.16
CA ILE B 195 32.03 8.14 -16.36
C ILE B 195 30.60 7.87 -16.80
N THR B 196 30.40 6.80 -17.56
CA THR B 196 29.06 6.48 -18.03
C THR B 196 28.19 6.00 -16.86
N LEU B 197 26.88 6.15 -17.03
CA LEU B 197 25.95 5.71 -16.00
C LEU B 197 26.03 4.19 -15.80
N LYS B 198 26.21 3.45 -16.89
CA LYS B 198 26.33 2.00 -16.77
C LYS B 198 27.52 1.63 -15.89
N GLU B 199 28.67 2.26 -16.14
CA GLU B 199 29.86 1.96 -15.36
C GLU B 199 29.71 2.43 -13.92
N ALA B 200 29.08 3.58 -13.72
CA ALA B 200 28.86 4.07 -12.35
C ALA B 200 27.99 3.09 -11.58
N ASN B 201 26.94 2.57 -12.20
CA ASN B 201 26.09 1.59 -11.53
C ASN B 201 26.89 0.36 -11.14
N GLU B 202 27.72 -0.15 -12.05
CA GLU B 202 28.53 -1.33 -11.74
C GLU B 202 29.41 -1.09 -10.52
N ILE B 203 30.03 0.08 -10.43
CA ILE B 203 30.81 0.42 -9.24
C ILE B 203 29.90 0.42 -8.02
N LEU B 204 28.72 1.02 -8.14
CA LEU B 204 27.80 1.08 -7.01
C LEU B 204 27.43 -0.32 -6.53
N GLN B 205 27.04 -1.19 -7.46
CA GLN B 205 26.65 -2.54 -7.08
C GLN B 205 27.75 -3.25 -6.32
N ARG B 206 29.00 -3.15 -6.79
CA ARG B 206 30.11 -3.82 -6.14
C ARG B 206 30.33 -3.31 -4.72
N SER B 207 30.16 -2.00 -4.51
CA SER B 207 30.44 -1.42 -3.20
C SER B 207 29.39 -1.81 -2.16
N LYS B 208 28.22 -2.28 -2.58
CA LYS B 208 27.16 -2.69 -1.66
C LYS B 208 26.78 -1.54 -0.73
N LYS B 209 26.71 -0.33 -1.28
CA LYS B 209 26.32 0.86 -0.54
C LYS B 209 25.09 1.49 -1.18
N GLY B 210 24.44 2.38 -0.42
CA GLY B 210 23.23 3.01 -0.90
C GLY B 210 23.49 4.08 -1.95
N LYS B 211 24.59 4.80 -1.83
CA LYS B 211 24.92 5.91 -2.71
C LYS B 211 26.36 5.78 -3.19
N LEU B 212 26.62 6.40 -4.34
CA LEU B 212 27.96 6.47 -4.91
C LEU B 212 28.23 7.93 -5.29
N PRO B 213 29.09 8.65 -4.58
CA PRO B 213 29.40 10.02 -4.99
C PRO B 213 30.24 10.05 -6.24
N ILE B 214 30.02 11.08 -7.06
CA ILE B 214 30.82 11.34 -8.25
C ILE B 214 31.57 12.63 -8.02
N VAL B 215 32.89 12.59 -8.20
CA VAL B 215 33.75 13.74 -7.93
C VAL B 215 34.66 13.98 -9.13
N ASN B 216 35.14 15.21 -9.24
CA ASN B 216 36.07 15.57 -10.30
C ASN B 216 37.50 15.41 -9.77
N GLU B 217 38.44 15.93 -10.55
CA GLU B 217 39.86 15.87 -10.21
C GLU B 217 40.24 16.53 -8.87
N ASP B 218 39.59 17.63 -8.51
CA ASP B 218 39.85 18.27 -7.22
C ASP B 218 38.94 17.84 -6.05
N ASP B 219 38.42 16.60 -6.04
CA ASP B 219 37.53 16.08 -5.01
C ASP B 219 36.29 16.95 -4.77
N GLU B 220 35.67 17.42 -5.85
CA GLU B 220 34.49 18.26 -5.74
C GLU B 220 33.31 17.44 -6.23
N LEU B 221 32.25 17.43 -5.43
CA LEU B 221 31.06 16.65 -5.74
C LEU B 221 30.37 17.22 -6.97
N VAL B 222 30.17 16.38 -7.98
CA VAL B 222 29.49 16.80 -9.20
C VAL B 222 28.16 16.07 -9.40
N ALA B 223 28.02 14.84 -8.91
CA ALA B 223 26.78 14.09 -9.06
C ALA B 223 26.81 12.94 -8.07
N ILE B 224 25.65 12.29 -7.92
CA ILE B 224 25.52 11.12 -7.06
C ILE B 224 24.47 10.20 -7.68
N ILE B 225 24.59 8.90 -7.39
CA ILE B 225 23.63 7.91 -7.84
C ILE B 225 23.19 7.08 -6.64
N ALA B 226 21.95 6.61 -6.67
CA ALA B 226 21.35 5.90 -5.55
C ALA B 226 21.02 4.46 -5.94
N ARG B 227 21.16 3.56 -4.96
CA ARG B 227 20.90 2.15 -5.22
C ARG B 227 19.42 1.90 -5.50
N THR B 228 18.52 2.61 -4.79
CA THR B 228 17.10 2.38 -4.96
C THR B 228 16.66 2.63 -6.39
N ASP B 229 17.31 3.59 -7.08
CA ASP B 229 16.99 3.83 -8.48
C ASP B 229 17.24 2.59 -9.32
N LEU B 230 18.27 1.82 -8.99
CA LEU B 230 18.49 0.55 -9.69
C LEU B 230 17.35 -0.42 -9.41
N LYS B 231 16.82 -0.41 -8.18
CA LYS B 231 15.67 -1.25 -7.85
C LYS B 231 14.43 -0.81 -8.62
N LYS B 232 14.19 0.50 -8.69
CA LYS B 232 13.04 1.00 -9.45
C LYS B 232 13.16 0.60 -10.91
N ASN B 233 14.35 0.70 -11.47
CA ASN B 233 14.58 0.27 -12.84
C ASN B 233 14.25 -1.21 -13.00
N ARG B 234 14.75 -2.06 -12.10
CA ARG B 234 14.46 -3.48 -12.18
C ARG B 234 12.99 -3.78 -11.90
N ASP B 235 12.39 -3.04 -10.97
CA ASP B 235 11.01 -3.33 -10.57
C ASP B 235 10.00 -2.91 -11.64
N TYR B 236 10.31 -1.86 -12.41
CA TYR B 236 9.37 -1.31 -13.40
C TYR B 236 10.04 -1.32 -14.77
N PRO B 237 10.01 -2.47 -15.46
CA PRO B 237 10.74 -2.57 -16.74
C PRO B 237 10.18 -1.67 -17.83
N LEU B 238 8.88 -1.34 -17.79
CA LEU B 238 8.25 -0.59 -18.87
C LEU B 238 8.26 0.91 -18.64
N ALA B 239 8.85 1.38 -17.55
CA ALA B 239 8.75 2.79 -17.19
C ALA B 239 9.15 3.70 -18.36
N SER B 240 8.42 4.79 -18.54
CA SER B 240 8.72 5.72 -19.62
C SER B 240 9.69 6.78 -19.10
N LYS B 241 10.93 6.73 -19.55
CA LYS B 241 11.97 7.65 -19.05
C LYS B 241 12.62 8.38 -20.22
N ASP B 242 13.27 9.49 -19.90
CA ASP B 242 14.05 10.34 -20.85
C ASP B 242 15.50 9.84 -20.84
N ALA B 243 16.43 10.53 -21.50
CA ALA B 243 17.85 10.13 -21.60
C ALA B 243 18.56 10.12 -20.23
N LYS B 244 18.09 10.91 -19.27
CA LYS B 244 18.64 11.02 -17.90
C LYS B 244 18.01 10.00 -16.93
N LYS B 245 17.14 9.09 -17.40
CA LYS B 245 16.45 7.99 -16.64
C LYS B 245 15.44 8.57 -15.65
N GLN B 246 14.80 9.67 -16.01
CA GLN B 246 13.76 10.36 -15.20
C GLN B 246 12.39 10.09 -15.83
N LEU B 247 11.36 9.82 -15.02
CA LEU B 247 10.03 9.57 -15.56
C LEU B 247 9.51 10.71 -16.40
N LEU B 248 8.77 10.35 -17.45
CA LEU B 248 8.16 11.31 -18.35
C LEU B 248 6.93 11.94 -17.71
N CYS B 249 6.73 13.21 -18.00
CA CYS B 249 5.60 13.95 -17.44
C CYS B 249 5.07 14.94 -18.47
N GLY B 250 3.76 15.17 -18.40
CA GLY B 250 3.12 16.15 -19.25
C GLY B 250 2.23 17.06 -18.41
N ALA B 251 1.81 18.17 -19.01
CA ALA B 251 0.99 19.14 -18.31
C ALA B 251 0.04 19.80 -19.29
N ALA B 252 -1.16 20.11 -18.82
CA ALA B 252 -2.15 20.82 -19.62
C ALA B 252 -1.97 22.32 -19.47
N ILE B 253 -2.49 23.06 -20.45
CA ILE B 253 -2.27 24.50 -20.53
C ILE B 253 -3.39 25.10 -21.36
N GLY B 254 -3.73 26.36 -21.06
CA GLY B 254 -4.67 27.11 -21.86
C GLY B 254 -3.99 27.93 -22.94
N THR B 255 -4.81 28.61 -23.74
CA THR B 255 -4.32 29.38 -24.88
C THR B 255 -4.26 30.88 -24.59
N HIS B 256 -4.47 31.28 -23.34
CA HIS B 256 -4.45 32.67 -22.95
C HIS B 256 -3.02 33.17 -22.71
N GLU B 257 -2.90 34.49 -22.57
CA GLU B 257 -1.59 35.09 -22.30
C GLU B 257 -1.04 34.62 -20.96
N ASP B 258 -1.91 34.48 -19.95
CA ASP B 258 -1.44 34.03 -18.64
C ASP B 258 -0.74 32.68 -18.74
N ASP B 259 -1.22 31.81 -19.64
CA ASP B 259 -0.64 30.48 -19.77
C ASP B 259 0.79 30.51 -20.27
N LYS B 260 1.21 31.61 -20.91
CA LYS B 260 2.61 31.73 -21.33
C LYS B 260 3.53 31.71 -20.11
N TYR B 261 3.15 32.43 -19.05
CA TYR B 261 3.93 32.38 -17.81
C TYR B 261 3.87 31.01 -17.17
N ARG B 262 2.68 30.40 -17.13
CA ARG B 262 2.57 29.04 -16.61
C ARG B 262 3.47 28.08 -17.38
N LEU B 263 3.53 28.23 -18.71
CA LEU B 263 4.40 27.38 -19.51
C LEU B 263 5.86 27.54 -19.09
N ASP B 264 6.31 28.78 -18.92
CA ASP B 264 7.69 29.02 -18.50
C ASP B 264 8.02 28.24 -17.23
N LEU B 265 7.13 28.29 -16.24
CA LEU B 265 7.38 27.54 -15.01
C LEU B 265 7.38 26.04 -15.27
N LEU B 266 6.42 25.55 -16.06
CA LEU B 266 6.38 24.12 -16.37
C LEU B 266 7.63 23.69 -17.13
N ALA B 267 8.09 24.53 -18.05
CA ALA B 267 9.34 24.24 -18.77
C ALA B 267 10.51 24.15 -17.79
N GLN B 268 10.61 25.10 -16.87
CA GLN B 268 11.70 25.08 -15.90
C GLN B 268 11.61 23.85 -14.99
N ALA B 269 10.40 23.34 -14.76
CA ALA B 269 10.23 22.15 -13.94
C ALA B 269 10.62 20.87 -14.67
N GLY B 270 10.98 21.01 -15.94
CA GLY B 270 11.33 19.88 -16.79
C GLY B 270 10.22 19.08 -17.47
N VAL B 271 9.03 19.64 -17.63
CA VAL B 271 7.98 18.85 -18.25
C VAL B 271 8.34 18.48 -19.69
N ASP B 272 8.21 17.19 -20.01
CA ASP B 272 8.44 16.66 -21.35
C ASP B 272 7.46 17.06 -22.48
N VAL B 273 6.15 17.06 -22.19
CA VAL B 273 5.13 17.38 -23.19
C VAL B 273 4.04 18.28 -22.64
N VAL B 274 3.38 19.01 -23.53
CA VAL B 274 2.31 19.92 -23.14
C VAL B 274 1.06 19.71 -23.98
N VAL B 275 -0.10 19.94 -23.38
CA VAL B 275 -1.39 19.79 -24.03
C VAL B 275 -2.14 21.11 -23.91
N LEU B 276 -2.68 21.57 -25.03
CA LEU B 276 -3.49 22.78 -25.04
C LEU B 276 -4.93 22.39 -24.75
N ASP B 277 -5.45 22.85 -23.61
CA ASP B 277 -6.75 22.44 -23.13
C ASP B 277 -7.82 23.34 -23.75
N SER B 278 -8.49 22.84 -24.77
CA SER B 278 -9.55 23.60 -25.41
C SER B 278 -10.62 22.69 -26.00
N SER B 279 -11.89 23.04 -25.87
CA SER B 279 -12.96 22.25 -26.46
C SER B 279 -12.93 22.26 -28.00
N GLN B 280 -12.69 23.41 -28.60
CA GLN B 280 -12.58 23.50 -30.04
C GLN B 280 -11.20 24.07 -30.35
N GLY B 281 -10.24 23.22 -30.72
CA GLY B 281 -8.88 23.61 -31.01
C GLY B 281 -8.59 24.49 -32.21
N ASN B 282 -9.39 24.34 -33.26
CA ASN B 282 -9.15 25.04 -34.51
C ASN B 282 -9.51 26.52 -34.33
N SER B 283 -8.61 27.25 -33.67
CA SER B 283 -8.81 28.67 -33.43
C SER B 283 -7.49 29.41 -33.63
N ILE B 284 -7.60 30.70 -33.96
CA ILE B 284 -6.40 31.52 -34.12
C ILE B 284 -5.61 31.57 -32.82
N PHE B 285 -6.31 31.51 -31.68
CA PHE B 285 -5.63 31.60 -30.40
C PHE B 285 -4.71 30.40 -30.18
N GLN B 286 -5.21 29.20 -30.46
CA GLN B 286 -4.39 28.01 -30.29
C GLN B 286 -3.25 27.97 -31.30
N ILE B 287 -3.52 28.38 -32.54
CA ILE B 287 -2.47 28.38 -33.57
C ILE B 287 -1.31 29.28 -33.14
N ASN B 288 -1.63 30.51 -32.72
CA ASN B 288 -0.58 31.41 -32.28
C ASN B 288 0.20 30.83 -31.11
N MET B 289 -0.50 30.25 -30.13
CA MET B 289 0.17 29.67 -28.98
C MET B 289 1.13 28.56 -29.41
N ILE B 290 0.69 27.69 -30.31
CA ILE B 290 1.56 26.60 -30.78
C ILE B 290 2.83 27.18 -31.40
N LYS B 291 2.66 28.14 -32.30
CA LYS B 291 3.82 28.80 -32.92
C LYS B 291 4.73 29.41 -31.86
N TYR B 292 4.14 30.08 -30.88
CA TYR B 292 4.94 30.71 -29.82
C TYR B 292 5.76 29.68 -29.06
N ILE B 293 5.17 28.51 -28.79
CA ILE B 293 5.88 27.50 -27.99
C ILE B 293 7.02 26.91 -28.80
N LYS B 294 6.75 26.47 -30.03
CA LYS B 294 7.79 25.84 -30.84
C LYS B 294 8.93 26.82 -31.15
N ASP B 295 8.68 28.12 -31.12
CA ASP B 295 9.75 29.09 -31.32
C ASP B 295 10.58 29.24 -30.05
N LYS B 296 9.93 29.48 -28.91
CA LYS B 296 10.66 29.69 -27.68
C LYS B 296 11.22 28.37 -27.13
N TYR B 297 10.47 27.28 -27.27
CA TYR B 297 10.88 25.96 -26.77
C TYR B 297 10.83 24.97 -27.93
N PRO B 298 11.86 24.96 -28.79
CA PRO B 298 11.86 23.98 -29.89
C PRO B 298 11.87 22.55 -29.40
N ASN B 299 12.59 22.28 -28.30
CA ASN B 299 12.67 20.94 -27.75
C ASN B 299 11.31 20.44 -27.27
N LEU B 300 10.49 21.34 -26.73
CA LEU B 300 9.25 20.93 -26.09
C LEU B 300 8.25 20.40 -27.12
N GLN B 301 7.48 19.38 -26.71
CA GLN B 301 6.47 18.77 -27.57
C GLN B 301 5.10 19.34 -27.22
N VAL B 302 4.33 19.70 -28.24
CA VAL B 302 3.02 20.32 -28.07
C VAL B 302 1.97 19.43 -28.70
N ILE B 303 0.79 19.37 -28.07
CA ILE B 303 -0.31 18.56 -28.56
C ILE B 303 -1.54 19.42 -28.91
N GLY B 304 -2.08 19.23 -30.11
CA GLY B 304 -3.24 19.98 -30.56
C GLY B 304 -4.46 19.68 -29.73
N GLY B 305 -5.30 20.68 -29.49
CA GLY B 305 -6.44 20.46 -28.62
C GLY B 305 -7.85 20.25 -29.17
N ASN B 306 -8.36 19.02 -29.03
CA ASN B 306 -9.72 18.67 -29.41
C ASN B 306 -10.28 19.01 -30.78
N VAL B 307 -9.70 18.44 -31.83
CA VAL B 307 -10.23 18.65 -33.17
C VAL B 307 -10.96 17.37 -33.57
N VAL B 308 -12.08 17.47 -34.28
CA VAL B 308 -12.79 16.27 -34.71
C VAL B 308 -12.94 16.07 -36.22
N THR B 309 -12.28 16.87 -37.04
CA THR B 309 -12.37 16.75 -38.48
C THR B 309 -10.98 16.97 -39.07
N ALA B 310 -10.77 16.49 -40.27
CA ALA B 310 -9.48 16.67 -40.95
C ALA B 310 -9.18 18.15 -41.16
N ALA B 311 -10.20 18.94 -41.51
CA ALA B 311 -9.99 20.37 -41.74
C ALA B 311 -9.39 21.03 -40.51
N GLN B 312 -9.92 20.71 -39.32
CA GLN B 312 -9.33 21.23 -38.09
C GLN B 312 -7.89 20.74 -37.92
N ALA B 313 -7.65 19.46 -38.17
CA ALA B 313 -6.31 18.92 -38.00
C ALA B 313 -5.30 19.66 -38.86
N LYS B 314 -5.68 20.04 -40.07
CA LYS B 314 -4.74 20.70 -40.97
C LYS B 314 -4.19 21.99 -40.36
N ASN B 315 -5.08 22.83 -39.83
CA ASN B 315 -4.62 24.12 -39.32
C ASN B 315 -3.63 23.93 -38.17
N LEU B 316 -3.88 22.97 -37.29
CA LEU B 316 -2.98 22.75 -36.17
C LEU B 316 -1.71 22.05 -36.62
N ILE B 317 -1.81 21.14 -37.58
CA ILE B 317 -0.62 20.48 -38.11
C ILE B 317 0.28 21.50 -38.80
N ASP B 318 -0.32 22.41 -39.57
CA ASP B 318 0.47 23.46 -40.22
C ASP B 318 1.16 24.35 -39.19
N ALA B 319 0.58 24.48 -37.99
CA ALA B 319 1.15 25.33 -36.96
C ALA B 319 2.37 24.74 -36.29
N GLY B 320 2.64 23.44 -36.46
CA GLY B 320 3.78 22.80 -35.85
C GLY B 320 3.46 21.80 -34.76
N VAL B 321 2.19 21.41 -34.61
CA VAL B 321 1.80 20.47 -33.57
C VAL B 321 2.59 19.17 -33.71
N ASP B 322 2.85 18.53 -32.55
CA ASP B 322 3.54 17.25 -32.50
C ASP B 322 2.60 16.07 -32.27
N ALA B 323 1.36 16.32 -31.89
CA ALA B 323 0.35 15.28 -31.76
C ALA B 323 -1.01 15.94 -31.65
N LEU B 324 -2.05 15.19 -32.02
CA LEU B 324 -3.41 15.70 -32.03
C LEU B 324 -4.26 14.95 -31.02
N ARG B 325 -5.19 15.67 -30.41
CA ARG B 325 -6.10 15.12 -29.42
C ARG B 325 -7.51 15.15 -30.01
N VAL B 326 -8.16 14.01 -30.05
CA VAL B 326 -9.48 13.93 -30.64
C VAL B 326 -10.57 13.66 -29.62
N GLY B 327 -11.60 14.50 -29.64
CA GLY B 327 -12.71 14.36 -28.72
C GLY B 327 -12.43 15.04 -27.40
N MET B 328 -13.42 15.02 -26.51
CA MET B 328 -13.26 15.63 -25.20
C MET B 328 -13.81 14.72 -24.13
N GLY B 329 -13.17 14.75 -22.96
CA GLY B 329 -13.58 13.93 -21.84
C GLY B 329 -12.47 13.77 -20.83
N GLU B 338 -25.56 21.40 -24.58
CA GLU B 338 -25.15 22.72 -24.13
C GLU B 338 -24.60 23.54 -25.28
N VAL B 339 -23.56 23.04 -25.95
CA VAL B 339 -23.03 23.76 -27.11
C VAL B 339 -23.21 22.82 -28.30
N LEU B 340 -23.86 23.31 -29.35
CA LEU B 340 -24.17 22.50 -30.52
C LEU B 340 -23.05 21.96 -31.40
N ALA B 341 -21.98 22.73 -31.63
CA ALA B 341 -20.98 22.27 -32.59
C ALA B 341 -19.49 22.19 -32.27
N CYS B 342 -19.08 21.19 -31.49
CA CYS B 342 -17.66 20.96 -31.28
C CYS B 342 -17.37 19.51 -30.88
N GLY B 343 -18.27 18.58 -31.21
CA GLY B 343 -18.08 17.19 -30.87
C GLY B 343 -18.56 16.29 -31.99
N ARG B 344 -18.31 15.00 -31.82
CA ARG B 344 -18.61 14.02 -32.86
C ARG B 344 -18.60 12.65 -32.24
N PRO B 345 -19.38 11.70 -32.75
CA PRO B 345 -19.23 10.32 -32.28
C PRO B 345 -17.78 9.90 -32.39
N GLN B 346 -17.26 9.28 -31.33
CA GLN B 346 -15.82 9.16 -31.17
C GLN B 346 -15.19 8.30 -32.25
N ALA B 347 -15.79 7.14 -32.54
CA ALA B 347 -15.19 6.20 -33.48
C ALA B 347 -14.96 6.84 -34.84
N THR B 348 -15.96 7.56 -35.36
CA THR B 348 -15.80 8.24 -36.62
C THR B 348 -14.72 9.31 -36.54
N ALA B 349 -14.77 10.13 -35.49
CA ALA B 349 -13.79 11.22 -35.36
C ALA B 349 -12.38 10.68 -35.29
N VAL B 350 -12.16 9.62 -34.51
CA VAL B 350 -10.82 9.05 -34.40
C VAL B 350 -10.33 8.58 -35.77
N TYR B 351 -11.18 7.85 -36.49
CA TYR B 351 -10.76 7.34 -37.80
C TYR B 351 -10.51 8.48 -38.78
N LYS B 352 -11.43 9.45 -38.85
CA LYS B 352 -11.30 10.53 -39.81
C LYS B 352 -10.01 11.33 -39.59
N VAL B 353 -9.75 11.72 -38.35
CA VAL B 353 -8.58 12.54 -38.06
C VAL B 353 -7.30 11.73 -38.21
N SER B 354 -7.28 10.50 -37.68
CA SER B 354 -6.07 9.70 -37.73
C SER B 354 -5.64 9.39 -39.15
N GLU B 355 -6.60 9.03 -40.01
CA GLU B 355 -6.26 8.75 -41.41
C GLU B 355 -5.55 9.94 -42.04
N TYR B 356 -5.97 11.16 -41.69
CA TYR B 356 -5.36 12.35 -42.25
C TYR B 356 -4.07 12.72 -41.53
N ALA B 357 -4.06 12.65 -40.19
CA ALA B 357 -2.89 13.09 -39.43
C ALA B 357 -1.68 12.20 -39.68
N ARG B 358 -1.89 10.92 -39.96
CA ARG B 358 -0.76 10.01 -40.09
C ARG B 358 0.12 10.38 -41.28
N ARG B 359 -0.48 10.97 -42.30
CA ARG B 359 0.22 11.34 -43.51
C ARG B 359 1.31 12.36 -43.22
N PHE B 360 1.11 13.12 -42.15
CA PHE B 360 2.07 14.14 -41.74
C PHE B 360 2.87 13.70 -40.52
N GLY B 361 2.76 12.43 -40.12
CA GLY B 361 3.50 11.93 -38.99
C GLY B 361 3.06 12.48 -37.66
N VAL B 362 1.78 12.79 -37.51
CA VAL B 362 1.24 13.37 -36.29
C VAL B 362 0.39 12.29 -35.60
N PRO B 363 0.81 11.75 -34.46
CA PRO B 363 -0.03 10.77 -33.75
C PRO B 363 -1.31 11.41 -33.23
N VAL B 364 -2.29 10.55 -32.97
CA VAL B 364 -3.60 10.97 -32.47
C VAL B 364 -3.83 10.35 -31.10
N ILE B 365 -4.34 11.16 -30.18
CA ILE B 365 -4.73 10.69 -28.85
C ILE B 365 -6.25 10.65 -28.81
N ALA B 366 -6.80 9.46 -28.61
CA ALA B 366 -8.24 9.30 -28.47
C ALA B 366 -8.64 9.69 -27.07
N ASP B 367 -9.48 10.73 -26.95
CA ASP B 367 -9.86 11.29 -25.66
C ASP B 367 -11.37 11.22 -25.52
N GLY B 368 -11.83 10.52 -24.49
CA GLY B 368 -13.24 10.53 -24.14
C GLY B 368 -13.99 9.35 -24.74
N GLY B 369 -15.01 8.89 -24.00
CA GLY B 369 -15.86 7.83 -24.47
C GLY B 369 -15.29 6.43 -24.35
N ILE B 370 -14.46 6.22 -23.35
CA ILE B 370 -13.89 4.92 -23.12
C ILE B 370 -14.36 4.44 -21.76
N GLN B 371 -15.13 3.35 -21.76
CA GLN B 371 -15.64 2.79 -20.52
C GLN B 371 -15.07 1.42 -20.18
N ASN B 372 -14.43 0.74 -21.14
CA ASN B 372 -13.90 -0.60 -20.91
C ASN B 372 -12.72 -0.84 -21.84
N VAL B 373 -12.10 -2.01 -21.70
CA VAL B 373 -10.96 -2.35 -22.54
C VAL B 373 -11.36 -2.38 -24.01
N GLY B 374 -12.55 -2.91 -24.30
CA GLY B 374 -12.98 -3.01 -25.68
C GLY B 374 -12.91 -1.68 -26.40
N HIS B 375 -13.39 -0.62 -25.76
CA HIS B 375 -13.33 0.70 -26.38
C HIS B 375 -11.88 1.14 -26.59
N ILE B 376 -10.99 0.76 -25.68
CA ILE B 376 -9.57 1.09 -25.84
C ILE B 376 -9.02 0.42 -27.10
N ALA B 377 -9.21 -0.90 -27.21
CA ALA B 377 -8.69 -1.61 -28.37
C ALA B 377 -9.29 -1.06 -29.65
N LYS B 378 -10.60 -0.79 -29.67
CA LYS B 378 -11.24 -0.24 -30.85
C LYS B 378 -10.62 1.10 -31.25
N ALA B 379 -10.41 1.98 -30.28
CA ALA B 379 -9.83 3.29 -30.59
C ALA B 379 -8.45 3.14 -31.22
N LEU B 380 -7.63 2.24 -30.68
CA LEU B 380 -6.32 1.99 -31.28
C LEU B 380 -6.44 1.38 -32.66
N ALA B 381 -7.38 0.46 -32.84
CA ALA B 381 -7.55 -0.17 -34.15
C ALA B 381 -7.98 0.83 -35.21
N LEU B 382 -8.73 1.86 -34.82
CA LEU B 382 -9.24 2.85 -35.76
C LEU B 382 -8.21 3.90 -36.16
N GLY B 383 -7.02 3.88 -35.56
CA GLY B 383 -5.95 4.78 -35.97
C GLY B 383 -5.32 5.58 -34.84
N ALA B 384 -5.93 5.55 -33.66
CA ALA B 384 -5.37 6.28 -32.53
C ALA B 384 -4.05 5.65 -32.09
N SER B 385 -3.03 6.50 -31.89
CA SER B 385 -1.75 6.00 -31.40
C SER B 385 -1.82 5.72 -29.90
N THR B 386 -2.47 6.59 -29.15
CA THR B 386 -2.69 6.39 -27.73
C THR B 386 -4.12 6.78 -27.39
N VAL B 387 -4.57 6.35 -26.22
CA VAL B 387 -5.90 6.66 -25.72
C VAL B 387 -5.76 7.30 -24.35
N MET B 388 -6.56 8.32 -24.11
CA MET B 388 -6.52 9.09 -22.87
C MET B 388 -7.74 8.71 -22.02
N MET B 389 -7.50 8.41 -20.75
CA MET B 389 -8.53 7.98 -19.83
C MET B 389 -8.65 8.95 -18.66
N GLY B 390 -9.88 9.28 -18.29
CA GLY B 390 -10.13 10.15 -17.15
C GLY B 390 -11.03 9.50 -16.13
N SER B 391 -12.33 9.44 -16.42
CA SER B 391 -13.28 8.88 -15.48
C SER B 391 -12.91 7.44 -15.12
N LEU B 392 -12.38 6.68 -16.08
CA LEU B 392 -12.07 5.29 -15.83
C LEU B 392 -11.00 5.15 -14.75
N LEU B 393 -10.11 6.13 -14.68
CA LEU B 393 -9.08 6.16 -13.66
C LEU B 393 -9.39 6.88 -12.31
N ALA B 394 -10.55 7.51 -12.12
CA ALA B 394 -10.86 8.22 -10.88
C ALA B 394 -10.91 7.35 -9.62
N ALA B 395 -11.47 6.14 -9.71
CA ALA B 395 -11.53 5.24 -8.58
C ALA B 395 -10.17 4.81 -7.98
N THR B 396 -9.11 4.71 -8.79
CA THR B 396 -7.81 4.26 -8.31
C THR B 396 -7.22 5.13 -7.20
N THR B 397 -6.43 4.51 -6.33
CA THR B 397 -5.85 5.19 -5.17
C THR B 397 -4.94 6.36 -5.52
N GLU B 398 -4.24 6.23 -6.64
CA GLU B 398 -3.35 7.29 -7.12
C GLU B 398 -4.06 8.62 -7.46
N ALA B 399 -5.30 8.58 -7.98
CA ALA B 399 -6.01 9.79 -8.34
C ALA B 399 -6.18 10.74 -7.15
N PRO B 400 -6.17 12.04 -7.41
CA PRO B 400 -6.25 13.01 -6.32
C PRO B 400 -7.54 12.95 -5.52
N GLY B 401 -7.43 13.27 -4.23
CA GLY B 401 -8.55 13.25 -3.31
C GLY B 401 -8.02 12.66 -2.01
N GLU B 402 -8.70 12.91 -0.90
CA GLU B 402 -8.21 12.37 0.34
C GLU B 402 -9.27 11.55 1.04
N TYR B 403 -8.89 10.36 1.50
CA TYR B 403 -9.82 9.48 2.19
C TYR B 403 -10.28 10.12 3.50
N PHE B 404 -11.55 9.94 3.79
CA PHE B 404 -12.15 10.50 5.00
C PHE B 404 -12.99 9.47 5.72
N PHE B 405 -13.18 9.67 7.01
CA PHE B 405 -13.99 8.76 7.82
C PHE B 405 -15.21 9.46 8.40
N ASP B 452 -13.37 2.36 -5.16
CA ASP B 452 -11.91 2.24 -5.20
C ASP B 452 -11.50 1.12 -6.14
N LYS B 453 -11.11 1.49 -7.37
CA LYS B 453 -10.66 0.50 -8.35
C LYS B 453 -9.33 -0.16 -7.97
N GLY B 454 -8.66 0.34 -6.94
CA GLY B 454 -7.38 -0.20 -6.53
C GLY B 454 -6.22 0.62 -7.04
N SER B 455 -5.03 0.08 -6.88
CA SER B 455 -3.83 0.75 -7.33
C SER B 455 -3.69 0.71 -8.84
N ILE B 456 -3.03 1.71 -9.42
CA ILE B 456 -2.74 1.74 -10.84
C ILE B 456 -1.85 0.56 -11.30
N HIS B 457 -0.90 0.12 -10.48
CA HIS B 457 -0.02 -0.98 -10.84
C HIS B 457 -0.79 -2.26 -11.14
N LYS B 458 -1.88 -2.52 -10.44
CA LYS B 458 -2.68 -3.69 -10.75
C LYS B 458 -3.66 -3.43 -11.90
N PHE B 459 -4.21 -2.22 -11.99
CA PHE B 459 -5.24 -1.94 -12.98
C PHE B 459 -4.66 -1.87 -14.39
N VAL B 460 -3.53 -1.17 -14.57
CA VAL B 460 -2.95 -1.01 -15.90
C VAL B 460 -2.55 -2.34 -16.50
N PRO B 461 -1.76 -3.20 -15.83
CA PRO B 461 -1.51 -4.54 -16.37
C PRO B 461 -2.77 -5.28 -16.78
N TYR B 462 -3.88 -5.08 -16.06
CA TYR B 462 -5.15 -5.67 -16.48
C TYR B 462 -5.56 -5.11 -17.84
N LEU B 463 -5.47 -3.79 -18.01
CA LEU B 463 -5.77 -3.20 -19.32
C LEU B 463 -4.80 -3.69 -20.38
N ILE B 464 -3.51 -3.77 -20.05
CA ILE B 464 -2.53 -4.25 -21.01
C ILE B 464 -2.88 -5.66 -21.46
N ALA B 465 -3.16 -6.54 -20.52
CA ALA B 465 -3.51 -7.91 -20.87
C ALA B 465 -4.74 -7.95 -21.77
N GLY B 466 -5.73 -7.11 -21.48
CA GLY B 466 -6.93 -7.08 -22.30
C GLY B 466 -6.64 -6.66 -23.73
N ILE B 467 -5.81 -5.63 -23.90
CA ILE B 467 -5.47 -5.17 -25.25
C ILE B 467 -4.72 -6.26 -26.01
N GLN B 468 -3.79 -6.95 -25.35
CA GLN B 468 -3.04 -8.00 -26.01
C GLN B 468 -3.96 -9.11 -26.50
N HIS B 469 -4.94 -9.48 -25.68
CA HIS B 469 -5.90 -10.51 -26.09
C HIS B 469 -6.69 -10.06 -27.31
N SER B 470 -7.08 -8.79 -27.34
CA SER B 470 -7.81 -8.27 -28.50
C SER B 470 -6.95 -8.35 -29.76
N CYS B 471 -5.67 -7.98 -29.65
CA CYS B 471 -4.76 -8.11 -30.78
C CYS B 471 -4.62 -9.56 -31.20
N GLN B 472 -4.48 -10.46 -30.24
CA GLN B 472 -4.37 -11.88 -30.55
C GLN B 472 -5.59 -12.36 -31.34
N ASP B 473 -6.78 -12.08 -30.82
CA ASP B 473 -8.00 -12.50 -31.51
C ASP B 473 -8.02 -12.00 -32.95
N ILE B 474 -7.56 -10.77 -33.17
CA ILE B 474 -7.46 -10.24 -34.52
C ILE B 474 -6.41 -10.99 -35.32
N GLY B 475 -5.40 -11.53 -34.65
CA GLY B 475 -4.28 -12.15 -35.33
C GLY B 475 -3.14 -11.21 -35.62
N ALA B 476 -2.95 -10.17 -34.80
CA ALA B 476 -1.89 -9.19 -34.99
C ALA B 476 -0.96 -9.23 -33.79
N LYS B 477 0.34 -9.20 -34.06
CA LYS B 477 1.36 -9.28 -33.02
C LYS B 477 1.74 -7.92 -32.44
N SER B 478 1.15 -6.84 -32.94
CA SER B 478 1.46 -5.51 -32.41
C SER B 478 0.38 -4.54 -32.84
N LEU B 479 0.31 -3.41 -32.11
CA LEU B 479 -0.62 -2.36 -32.47
C LEU B 479 -0.27 -1.75 -33.82
N THR B 480 1.03 -1.66 -34.13
CA THR B 480 1.43 -1.18 -35.45
C THR B 480 0.84 -2.06 -36.54
N GLN B 481 0.85 -3.38 -36.32
CA GLN B 481 0.30 -4.30 -37.31
C GLN B 481 -1.21 -4.11 -37.46
N VAL B 482 -1.92 -3.89 -36.35
CA VAL B 482 -3.37 -3.72 -36.41
C VAL B 482 -3.72 -2.53 -37.29
N ARG B 483 -3.13 -1.37 -37.01
CA ARG B 483 -3.39 -0.19 -37.82
C ARG B 483 -3.05 -0.43 -39.29
N ALA B 484 -1.96 -1.17 -39.55
CA ALA B 484 -1.63 -1.51 -40.93
C ALA B 484 -2.71 -2.40 -41.54
N MET B 485 -3.22 -3.36 -40.76
CA MET B 485 -4.28 -4.22 -41.27
C MET B 485 -5.55 -3.44 -41.52
N MET B 486 -5.85 -2.46 -40.65
CA MET B 486 -7.09 -1.71 -40.80
C MET B 486 -7.03 -0.81 -42.04
N TYR B 487 -5.89 -0.16 -42.27
CA TYR B 487 -5.78 0.72 -43.43
C TYR B 487 -5.75 -0.06 -44.73
N SER B 488 -5.11 -1.23 -44.72
CA SER B 488 -5.00 -2.02 -45.96
C SER B 488 -6.30 -2.70 -46.32
N GLY B 489 -7.25 -2.79 -45.40
CA GLY B 489 -8.51 -3.47 -45.65
C GLY B 489 -8.56 -4.91 -45.23
N GLU B 490 -7.44 -5.50 -44.79
CA GLU B 490 -7.50 -6.87 -44.29
C GLU B 490 -8.39 -6.95 -43.07
N LEU B 491 -8.35 -5.95 -42.20
CA LEU B 491 -9.15 -5.97 -41.00
C LEU B 491 -10.61 -5.67 -41.36
N LYS B 492 -11.51 -6.52 -40.88
CA LYS B 492 -12.91 -6.42 -41.25
C LYS B 492 -13.76 -6.03 -40.04
N PHE B 493 -14.81 -5.27 -40.31
CA PHE B 493 -15.74 -4.79 -39.30
C PHE B 493 -17.15 -5.24 -39.65
N GLU B 494 -18.04 -5.12 -38.67
CA GLU B 494 -19.46 -5.36 -38.87
C GLU B 494 -20.24 -4.38 -38.02
N LYS B 495 -21.25 -3.76 -38.60
CA LYS B 495 -22.04 -2.76 -37.89
C LYS B 495 -23.09 -3.45 -37.04
N ARG B 496 -23.36 -2.89 -35.86
CA ARG B 496 -24.31 -3.45 -34.93
C ARG B 496 -25.58 -2.60 -34.89
N THR B 497 -26.66 -3.23 -34.44
CA THR B 497 -27.93 -2.57 -34.24
C THR B 497 -28.22 -2.45 -32.75
N SER B 498 -29.32 -1.76 -32.44
CA SER B 498 -29.70 -1.54 -31.04
C SER B 498 -29.80 -2.85 -30.28
N SER B 499 -30.29 -3.91 -30.94
CA SER B 499 -30.49 -5.17 -30.24
C SER B 499 -29.17 -5.80 -29.81
N ALA B 500 -28.09 -5.59 -30.58
CA ALA B 500 -26.79 -6.12 -30.22
C ALA B 500 -26.02 -5.15 -29.32
#